data_3E34
#
_entry.id   3E34
#
_cell.length_a   170.169
_cell.length_b   170.169
_cell.length_c   69.467
_cell.angle_alpha   90.00
_cell.angle_beta   90.00
_cell.angle_gamma   120.00
#
_symmetry.space_group_name_H-M   'P 61'
#
loop_
_entity.id
_entity.type
_entity.pdbx_description
1 polymer 'Protein farnesyltransferase/geranylgeranyltransferase type-1 subunit alpha'
2 polymer 'Protein farnesyltransferase subunit beta'
3 non-polymer 'ZINC ION'
4 non-polymer 'FARNESYL DIPHOSPHATE'
5 non-polymer "3-{2'-[{[1-(tert-butoxycarbonyl)piperidin-4-yl]methyl}(2-{(4-cyanophenyl)[(1-methyl-1H-imidazol-5-yl)methyl]amino}ethyl)sulfamoyl]biphenyl-3-yl}propanoic acid"
6 water water
#
loop_
_entity_poly.entity_id
_entity_poly.type
_entity_poly.pdbx_seq_one_letter_code
_entity_poly.pdbx_strand_id
1 'polypeptide(L)'
;MAATEGVGESAPGGEPGQPEQPPPPPPPPPAQQPQEEEMAAEAGEAAASPMDDGFLSLDSPTYVLYRDRAEWADIDPVPQ
NDGPSPVVQIIYSEKFRDVYDYFRAVLQRDERSERAFKLTRDAIELNAANYTVWHFRRVLLRSLQKDLQEEMNYIIAIIE
EQPKNYQVWHHRRVLVEWLKDPSQELEFIADILNQDAKNYHAWQHRQWVIQEFRLWDNELQYVDQLLKEDVRNNSVWNQR
HFVISNTTGYSDRAVLEREVQYTLEMIKLVPHNESAWNYLKGILQDRGLSRYPNLLNQLLDLQPSHSSPYLIAFLVDIYE
DMLENQCDNKEDILNKALELCEILAKEKDTIRKEYWRYIGRSLQSKHSRESDIPASV
;
A
2 'polypeptide(L)'
;MASSSSFTYYCPPSSSPVWSEPLYSLRPEHARERLQDDSVETVTSIEQAKVEEKIQEVFSSYKFNHLVPRLVLQREKHFH
YLKRGLRQLTDAYECLDASRPWLCYWILHSLELLDEPIPQIVATDVCQFLELCQSPDGGFGGGPGQYPHLAPTYAAVNAL
CIIGTEEAYNVINREKLLQYLYSLKQPDGSFLMHVGGEVDVRSAYCAASVASLTNIITPDLFEGTAEWIARCQNWEGGIG
GVPGMEAHGGYTFCGLAALVILKKERSLNLKSLLQWVTSRQMRFEGGFQGRCNKLVDGCYSFWQAGLLPLLHRALHAQGD
PALSMSHWMFHQQALQEYILMCCQCPAGGLLDKPGKSRDFYHTCYCLSGLSIAQHFGSGAMLHDVVMGVPENVLQPTHPV
YNIGPDKVIQATTHFLQKPVPGFEECEDAVTSDPATD
;
B
#
loop_
_chem_comp.id
_chem_comp.type
_chem_comp.name
_chem_comp.formula
ED1 non-polymer '3-{2'-[{[1-(tert-butoxycarbonyl)piperidin-4-yl]methyl}(2-{(4-cyanophenyl)[(1-methyl-1H-imidazol-5-yl)methyl]amino}ethyl)sulfamoyl]biphenyl-3-yl}propanoic acid' 'C40 H48 N6 O6 S'
FPP non-polymer 'FARNESYL DIPHOSPHATE' 'C15 H28 O7 P2'
ZN non-polymer 'ZINC ION' 'Zn 2'
#
# COMPACT_ATOMS: atom_id res chain seq x y z
N PHE A 55 9.73 -4.84 36.53
CA PHE A 55 10.80 -4.09 37.24
C PHE A 55 10.81 -2.65 36.75
N LEU A 56 11.93 -2.20 36.21
CA LEU A 56 12.10 -0.79 35.88
C LEU A 56 11.53 -0.43 34.51
N SER A 57 10.34 0.17 34.51
CA SER A 57 9.70 0.59 33.28
C SER A 57 10.54 1.61 32.51
N LEU A 58 10.52 1.50 31.18
CA LEU A 58 11.32 2.37 30.33
C LEU A 58 11.03 3.84 30.58
N ASP A 59 9.80 4.16 30.96
CA ASP A 59 9.44 5.55 31.20
C ASP A 59 9.32 5.88 32.69
N SER A 60 9.85 5.02 33.54
CA SER A 60 9.90 5.30 34.97
C SER A 60 10.79 6.51 35.28
N PRO A 61 10.37 7.40 36.18
CA PRO A 61 11.25 8.53 36.51
C PRO A 61 12.60 8.03 37.06
N THR A 62 12.62 6.84 37.65
CA THR A 62 13.87 6.29 38.21
C THR A 62 14.56 5.25 37.33
N TYR A 63 14.19 5.21 36.05
CA TYR A 63 14.90 4.36 35.08
C TYR A 63 16.37 4.72 35.08
N VAL A 64 17.22 3.69 35.04
CA VAL A 64 18.65 3.90 35.00
C VAL A 64 19.25 3.21 33.79
N LEU A 65 20.23 3.81 33.14
CA LEU A 65 20.90 3.17 32.00
C LEU A 65 21.50 1.81 32.36
N TYR A 66 21.48 0.87 31.42
CA TYR A 66 22.10 -0.44 31.65
C TYR A 66 23.58 -0.36 32.02
N ARG A 67 24.31 0.58 31.44
CA ARG A 67 25.71 0.71 31.82
C ARG A 67 25.86 1.14 33.28
N ASP A 68 24.78 1.55 33.93
CA ASP A 68 24.82 1.92 35.35
C ASP A 68 24.21 0.89 36.27
N ARG A 69 23.82 -0.26 35.75
CA ARG A 69 23.18 -1.27 36.58
C ARG A 69 24.17 -2.32 37.07
N ALA A 70 24.26 -2.49 38.39
CA ALA A 70 25.22 -3.42 39.01
C ALA A 70 25.05 -4.84 38.46
N GLU A 71 23.81 -5.28 38.35
CA GLU A 71 23.54 -6.63 37.88
C GLU A 71 23.92 -6.85 36.40
N TRP A 72 24.41 -5.82 35.72
CA TRP A 72 24.87 -5.97 34.34
C TRP A 72 26.37 -5.75 34.21
N ALA A 73 27.06 -5.63 35.35
CA ALA A 73 28.48 -5.25 35.34
C ALA A 73 29.41 -6.25 34.63
N ASP A 74 29.06 -7.52 34.64
CA ASP A 74 29.90 -8.54 34.02
C ASP A 74 29.90 -8.49 32.49
N ILE A 75 28.94 -7.79 31.90
CA ILE A 75 28.74 -7.80 30.45
C ILE A 75 29.36 -6.59 29.80
N ASP A 76 30.14 -6.80 28.75
CA ASP A 76 30.61 -5.70 27.90
C ASP A 76 29.61 -5.43 26.79
N PRO A 77 29.09 -4.20 26.76
CA PRO A 77 28.15 -3.82 25.73
C PRO A 77 28.82 -3.92 24.37
N VAL A 78 28.02 -4.16 23.33
CA VAL A 78 28.53 -4.29 21.96
C VAL A 78 28.06 -3.13 21.10
N PRO A 79 28.99 -2.22 20.76
CA PRO A 79 28.66 -1.04 19.96
C PRO A 79 28.22 -1.46 18.57
N GLN A 80 27.41 -0.63 17.94
CA GLN A 80 26.95 -0.96 16.60
C GLN A 80 28.08 -0.85 15.60
N ASN A 81 28.14 -1.83 14.71
CA ASN A 81 29.18 -1.90 13.72
C ASN A 81 28.81 -1.19 12.42
N ASP A 82 28.90 0.14 12.39
CA ASP A 82 28.44 0.91 11.23
C ASP A 82 29.48 1.11 10.13
N GLY A 83 30.72 0.72 10.40
CA GLY A 83 31.81 0.89 9.43
C GLY A 83 32.59 2.18 9.64
N PRO A 84 33.66 2.38 8.83
CA PRO A 84 34.51 3.57 8.95
C PRO A 84 33.83 4.88 8.54
N SER A 85 32.99 4.86 7.50
CA SER A 85 32.24 6.07 7.11
C SER A 85 30.78 5.79 6.82
N PRO A 86 29.95 5.86 7.86
CA PRO A 86 28.54 5.47 7.90
C PRO A 86 27.63 6.23 6.94
N VAL A 87 26.54 5.58 6.53
CA VAL A 87 25.45 6.26 5.82
C VAL A 87 24.17 6.06 6.62
N VAL A 88 23.18 6.91 6.35
CA VAL A 88 21.92 6.91 7.11
C VAL A 88 22.15 6.60 8.58
N GLN A 89 23.13 7.28 9.17
CA GLN A 89 23.48 7.01 10.56
C GLN A 89 22.55 7.76 11.47
N ILE A 90 21.88 7.03 12.34
CA ILE A 90 20.90 7.63 13.21
C ILE A 90 21.59 8.11 14.49
N ILE A 91 21.40 9.37 14.84
CA ILE A 91 21.98 9.86 16.09
C ILE A 91 21.06 9.52 17.24
N TYR A 92 21.23 8.30 17.75
CA TYR A 92 20.37 7.79 18.80
C TYR A 92 20.48 8.60 20.07
N SER A 93 19.38 8.68 20.81
CA SER A 93 19.43 9.15 22.17
C SER A 93 20.31 8.21 22.99
N GLU A 94 20.80 8.72 24.13
CA GLU A 94 21.54 7.92 25.08
C GLU A 94 20.81 6.65 25.51
N LYS A 95 19.55 6.80 25.92
CA LYS A 95 18.76 5.65 26.37
C LYS A 95 18.68 4.56 25.30
N PHE A 96 18.45 4.98 24.06
CA PHE A 96 18.28 4.02 22.95
C PHE A 96 19.59 3.27 22.71
N ARG A 97 20.68 4.01 22.56
CA ARG A 97 21.97 3.39 22.24
C ARG A 97 22.44 2.46 23.36
N ASP A 98 22.19 2.87 24.59
CA ASP A 98 22.53 2.06 25.75
C ASP A 98 21.76 0.71 25.77
N VAL A 99 20.45 0.76 25.58
CA VAL A 99 19.69 -0.50 25.54
C VAL A 99 20.18 -1.41 24.40
N TYR A 100 20.41 -0.85 23.23
CA TYR A 100 20.75 -1.68 22.07
C TYR A 100 22.18 -2.19 22.08
N ASP A 101 23.08 -1.50 22.78
CA ASP A 101 24.44 -1.99 22.96
C ASP A 101 24.44 -3.24 23.83
N TYR A 102 23.59 -3.23 24.84
CA TYR A 102 23.46 -4.40 25.70
C TYR A 102 22.65 -5.52 25.01
N PHE A 103 21.65 -5.14 24.21
CA PHE A 103 20.93 -6.15 23.42
C PHE A 103 21.90 -6.86 22.47
N ARG A 104 22.73 -6.10 21.76
CA ARG A 104 23.73 -6.70 20.90
C ARG A 104 24.61 -7.70 21.67
N ALA A 105 24.96 -7.35 22.90
CA ALA A 105 25.79 -8.23 23.72
C ALA A 105 25.09 -9.55 24.06
N VAL A 106 23.84 -9.51 24.50
CA VAL A 106 23.17 -10.75 24.86
C VAL A 106 22.83 -11.59 23.63
N LEU A 107 22.53 -10.91 22.53
CA LEU A 107 22.23 -11.61 21.27
C LEU A 107 23.48 -12.35 20.79
N GLN A 108 24.60 -11.63 20.78
CA GLN A 108 25.87 -12.20 20.36
C GLN A 108 26.28 -13.41 21.20
N ARG A 109 26.08 -13.33 22.51
CA ARG A 109 26.41 -14.43 23.41
C ARG A 109 25.33 -15.51 23.42
N ASP A 110 24.17 -15.19 22.86
CA ASP A 110 23.00 -16.06 23.00
C ASP A 110 22.75 -16.37 24.47
N GLU A 111 22.80 -15.34 25.32
CA GLU A 111 22.52 -15.51 26.74
C GLU A 111 21.02 -15.62 26.97
N ARG A 112 20.57 -16.79 27.39
CA ARG A 112 19.15 -16.98 27.61
C ARG A 112 18.89 -16.85 29.09
N SER A 113 18.66 -15.63 29.55
CA SER A 113 18.54 -15.38 30.97
C SER A 113 17.33 -14.51 31.24
N GLU A 114 16.90 -14.53 32.49
CA GLU A 114 15.85 -13.64 32.94
C GLU A 114 16.20 -12.17 32.64
N ARG A 115 17.45 -11.77 32.85
CA ARG A 115 17.82 -10.38 32.63
C ARG A 115 17.77 -10.02 31.14
N ALA A 116 18.21 -10.95 30.29
CA ALA A 116 18.10 -10.73 28.84
C ALA A 116 16.62 -10.60 28.45
N PHE A 117 15.76 -11.40 29.07
CA PHE A 117 14.34 -11.36 28.75
C PHE A 117 13.76 -9.98 29.05
N LYS A 118 14.07 -9.48 30.24
CA LYS A 118 13.65 -8.14 30.66
C LYS A 118 14.19 -7.06 29.76
N LEU A 119 15.44 -7.22 29.34
CA LEU A 119 16.05 -6.27 28.41
C LEU A 119 15.28 -6.19 27.09
N THR A 120 14.79 -7.33 26.58
CA THR A 120 14.07 -7.29 25.30
C THR A 120 12.81 -6.42 25.43
N ARG A 121 12.20 -6.38 26.60
CA ARG A 121 11.03 -5.53 26.78
C ARG A 121 11.37 -4.05 26.54
N ASP A 122 12.53 -3.61 27.03
CA ASP A 122 12.95 -2.24 26.79
C ASP A 122 13.34 -2.02 25.32
N ALA A 123 14.01 -2.97 24.69
CA ALA A 123 14.43 -2.78 23.32
C ALA A 123 13.20 -2.66 22.42
N ILE A 124 12.19 -3.46 22.75
CA ILE A 124 10.94 -3.43 21.99
C ILE A 124 10.23 -2.11 22.15
N GLU A 125 10.20 -1.61 23.39
CA GLU A 125 9.51 -0.36 23.66
C GLU A 125 10.20 0.77 22.89
N LEU A 126 11.53 0.74 22.80
CA LEU A 126 12.27 1.76 22.04
C LEU A 126 12.06 1.68 20.54
N ASN A 127 11.94 0.47 20.01
CA ASN A 127 11.67 0.27 18.59
C ASN A 127 10.92 -1.03 18.39
N ALA A 128 9.58 -0.95 18.42
CA ALA A 128 8.73 -2.12 18.33
C ALA A 128 8.78 -2.78 16.96
N ALA A 129 9.38 -2.11 15.97
CA ALA A 129 9.58 -2.73 14.65
C ALA A 129 10.82 -3.61 14.54
N ASN A 130 11.62 -3.66 15.62
CA ASN A 130 12.83 -4.47 15.55
C ASN A 130 12.49 -5.95 15.67
N TYR A 131 12.37 -6.61 14.52
CA TYR A 131 11.90 -7.98 14.45
C TYR A 131 12.97 -8.95 15.01
N THR A 132 14.24 -8.56 14.94
CA THR A 132 15.30 -9.36 15.58
C THR A 132 15.11 -9.48 17.08
N VAL A 133 14.73 -8.38 17.73
CA VAL A 133 14.46 -8.42 19.16
C VAL A 133 13.26 -9.30 19.45
N TRP A 134 12.20 -9.18 18.65
CA TRP A 134 11.02 -10.01 18.83
C TRP A 134 11.36 -11.50 18.71
N HIS A 135 12.23 -11.82 17.76
CA HIS A 135 12.61 -13.22 17.58
C HIS A 135 13.35 -13.77 18.81
N PHE A 136 14.29 -12.98 19.32
CA PHE A 136 15.05 -13.37 20.47
C PHE A 136 14.12 -13.47 21.68
N ARG A 137 13.15 -12.57 21.77
CA ARG A 137 12.24 -12.65 22.91
C ARG A 137 11.44 -13.95 22.91
N ARG A 138 11.02 -14.40 21.72
CA ARG A 138 10.32 -15.68 21.61
C ARG A 138 11.22 -16.87 21.91
N VAL A 139 12.47 -16.82 21.48
CA VAL A 139 13.45 -17.84 21.91
C VAL A 139 13.49 -17.93 23.45
N LEU A 140 13.55 -16.77 24.10
CA LEU A 140 13.65 -16.72 25.56
C LEU A 140 12.38 -17.22 26.23
N LEU A 141 11.22 -16.88 25.65
CA LEU A 141 9.95 -17.36 26.21
C LEU A 141 9.95 -18.89 26.35
N ARG A 142 10.40 -19.55 25.30
CA ARG A 142 10.38 -21.01 25.29
C ARG A 142 11.52 -21.54 26.16
N SER A 143 12.73 -21.04 25.92
CA SER A 143 13.89 -21.53 26.61
C SER A 143 13.81 -21.32 28.14
N LEU A 144 13.27 -20.19 28.59
CA LEU A 144 13.08 -19.98 30.02
C LEU A 144 11.76 -20.55 30.54
N GLN A 145 10.94 -21.09 29.66
CA GLN A 145 9.62 -21.57 30.08
C GLN A 145 8.83 -20.50 30.81
N LYS A 146 8.71 -19.31 30.22
CA LYS A 146 7.91 -18.25 30.82
C LYS A 146 6.44 -18.54 30.69
N ASP A 147 5.68 -18.11 31.68
CA ASP A 147 4.23 -18.22 31.70
C ASP A 147 3.64 -17.44 30.52
N LEU A 148 2.94 -18.11 29.59
CA LEU A 148 2.48 -17.45 28.37
C LEU A 148 1.27 -16.55 28.56
N GLN A 149 0.53 -16.73 29.65
CA GLN A 149 -0.61 -15.83 29.92
C GLN A 149 -0.11 -14.51 30.46
N GLU A 150 0.97 -14.55 31.24
CA GLU A 150 1.65 -13.33 31.63
C GLU A 150 2.12 -12.59 30.36
N GLU A 151 2.69 -13.33 29.41
CA GLU A 151 3.12 -12.73 28.16
C GLU A 151 1.92 -12.19 27.35
N MET A 152 0.79 -12.91 27.37
CA MET A 152 -0.42 -12.36 26.77
C MET A 152 -0.82 -11.03 27.41
N ASN A 153 -0.68 -10.93 28.73
CA ASN A 153 -0.97 -9.66 29.41
C ASN A 153 -0.06 -8.56 28.89
N TYR A 154 1.21 -8.91 28.74
CA TYR A 154 2.19 -7.97 28.20
C TYR A 154 1.81 -7.52 26.76
N ILE A 155 1.47 -8.46 25.88
CA ILE A 155 1.26 -8.10 24.50
C ILE A 155 -0.01 -7.28 24.37
N ILE A 156 -1.01 -7.56 25.21
CA ILE A 156 -2.22 -6.79 25.07
C ILE A 156 -1.95 -5.31 25.42
N ALA A 157 -1.11 -5.09 26.42
CA ALA A 157 -0.71 -3.74 26.79
C ALA A 157 0.10 -3.04 25.71
N ILE A 158 1.07 -3.71 25.10
CA ILE A 158 1.87 -3.06 24.06
C ILE A 158 1.04 -2.76 22.78
N ILE A 159 0.11 -3.65 22.46
CA ILE A 159 -0.74 -3.42 21.28
C ILE A 159 -1.65 -2.21 21.52
N GLU A 160 -2.21 -2.09 22.71
CA GLU A 160 -2.99 -0.90 23.06
C GLU A 160 -2.19 0.39 22.80
N GLU A 161 -0.92 0.42 23.16
CA GLU A 161 -0.14 1.64 22.93
C GLU A 161 0.41 1.78 21.51
N GLN A 162 0.71 0.68 20.84
CA GLN A 162 1.30 0.73 19.49
C GLN A 162 0.54 -0.18 18.51
N PRO A 163 -0.74 0.14 18.27
CA PRO A 163 -1.63 -0.80 17.56
C PRO A 163 -1.41 -0.92 16.05
N LYS A 164 -0.57 -0.07 15.47
CA LYS A 164 -0.36 -0.08 14.02
C LYS A 164 0.92 -0.78 13.58
N ASN A 165 1.60 -1.40 14.53
CA ASN A 165 2.85 -2.08 14.26
C ASN A 165 2.56 -3.54 13.83
N TYR A 166 3.31 -4.07 12.84
CA TYR A 166 3.15 -5.47 12.42
C TYR A 166 3.62 -6.47 13.49
N GLN A 167 4.79 -6.21 14.10
CA GLN A 167 5.38 -7.20 15.01
C GLN A 167 4.54 -7.57 16.19
N VAL A 168 3.84 -6.59 16.77
CA VAL A 168 3.06 -6.86 17.96
C VAL A 168 1.89 -7.80 17.69
N TRP A 169 1.29 -7.68 16.50
CA TRP A 169 0.18 -8.56 16.15
C TRP A 169 0.67 -9.96 15.79
N HIS A 170 1.75 -10.06 15.03
CA HIS A 170 2.35 -11.36 14.81
C HIS A 170 2.70 -12.08 16.13
N HIS A 171 3.32 -11.35 17.05
CA HIS A 171 3.64 -11.92 18.36
C HIS A 171 2.39 -12.47 19.06
N ARG A 172 1.31 -11.69 19.06
CA ARG A 172 0.10 -12.14 19.71
C ARG A 172 -0.44 -13.41 19.06
N ARG A 173 -0.41 -13.46 17.73
CA ARG A 173 -0.83 -14.67 17.02
C ARG A 173 -0.04 -15.91 17.46
N VAL A 174 1.29 -15.78 17.53
CA VAL A 174 2.13 -16.88 17.97
C VAL A 174 1.72 -17.37 19.35
N LEU A 175 1.49 -16.43 20.26
CA LEU A 175 1.06 -16.76 21.62
C LEU A 175 -0.25 -17.53 21.61
N VAL A 176 -1.21 -17.06 20.82
CA VAL A 176 -2.49 -17.75 20.75
C VAL A 176 -2.30 -19.15 20.20
N GLU A 177 -1.50 -19.28 19.15
CA GLU A 177 -1.17 -20.60 18.59
C GLU A 177 -0.52 -21.49 19.65
N TRP A 178 0.48 -20.98 20.36
CA TRP A 178 1.15 -21.77 21.39
C TRP A 178 0.20 -22.25 22.48
N LEU A 179 -0.70 -21.36 22.90
CA LEU A 179 -1.65 -21.66 23.97
C LEU A 179 -2.88 -22.43 23.46
N LYS A 180 -3.10 -22.40 22.15
CA LYS A 180 -4.35 -22.95 21.59
C LYS A 180 -5.57 -22.42 22.31
N ASP A 181 -5.54 -21.13 22.65
CA ASP A 181 -6.62 -20.53 23.41
C ASP A 181 -7.02 -19.21 22.77
N PRO A 182 -8.20 -19.18 22.15
CA PRO A 182 -8.63 -17.96 21.47
C PRO A 182 -9.60 -17.17 22.32
N SER A 183 -9.75 -17.58 23.57
CA SER A 183 -10.89 -17.11 24.35
C SER A 183 -10.85 -15.62 24.71
N GLN A 184 -9.69 -14.97 24.63
CA GLN A 184 -9.64 -13.54 24.90
C GLN A 184 -9.74 -12.68 23.64
N GLU A 185 -9.68 -13.32 22.48
CA GLU A 185 -9.34 -12.59 21.27
C GLU A 185 -10.38 -11.60 20.76
N LEU A 186 -11.63 -12.06 20.65
CA LEU A 186 -12.66 -11.25 20.04
C LEU A 186 -12.97 -10.01 20.88
N GLU A 187 -12.94 -10.18 22.20
CA GLU A 187 -13.14 -9.04 23.08
C GLU A 187 -11.94 -8.11 23.06
N PHE A 188 -10.73 -8.65 22.98
CA PHE A 188 -9.55 -7.80 22.90
C PHE A 188 -9.55 -6.95 21.62
N ILE A 189 -9.77 -7.61 20.49
CA ILE A 189 -9.82 -6.92 19.21
C ILE A 189 -10.91 -5.84 19.18
N ALA A 190 -12.07 -6.16 19.76
CA ALA A 190 -13.18 -5.22 19.80
C ALA A 190 -12.78 -3.94 20.54
N ASP A 191 -11.90 -4.07 21.53
CA ASP A 191 -11.45 -2.90 22.27
C ASP A 191 -10.51 -2.05 21.41
N ILE A 192 -9.62 -2.70 20.67
CA ILE A 192 -8.77 -1.99 19.73
C ILE A 192 -9.64 -1.27 18.68
N LEU A 193 -10.66 -1.97 18.17
CA LEU A 193 -11.51 -1.40 17.12
C LEU A 193 -12.41 -0.30 17.67
N ASN A 194 -12.67 -0.32 18.97
CA ASN A 194 -13.42 0.76 19.59
C ASN A 194 -12.62 2.06 19.57
N GLN A 195 -11.30 1.97 19.47
CA GLN A 195 -10.45 3.16 19.36
C GLN A 195 -10.10 3.51 17.93
N ASP A 196 -9.98 2.51 17.07
CA ASP A 196 -9.73 2.74 15.65
C ASP A 196 -10.44 1.66 14.84
N ALA A 197 -11.60 2.00 14.31
CA ALA A 197 -12.49 1.00 13.77
C ALA A 197 -12.01 0.48 12.43
N LYS A 198 -10.93 1.04 11.90
CA LYS A 198 -10.39 0.63 10.60
C LYS A 198 -9.00 0.02 10.70
N ASN A 199 -8.54 -0.23 11.92
CA ASN A 199 -7.20 -0.78 12.11
C ASN A 199 -7.01 -2.08 11.34
N TYR A 200 -6.15 -2.03 10.32
CA TYR A 200 -6.03 -3.14 9.40
C TYR A 200 -5.52 -4.43 10.07
N HIS A 201 -4.51 -4.33 10.95
CA HIS A 201 -3.96 -5.52 11.60
C HIS A 201 -5.02 -6.15 12.50
N ALA A 202 -5.80 -5.30 13.15
CA ALA A 202 -6.86 -5.76 14.05
C ALA A 202 -7.89 -6.59 13.28
N TRP A 203 -8.36 -6.06 12.15
CA TRP A 203 -9.30 -6.84 11.32
C TRP A 203 -8.68 -8.15 10.83
N GLN A 204 -7.41 -8.10 10.42
CA GLN A 204 -6.72 -9.29 9.94
C GLN A 204 -6.60 -10.35 11.03
N HIS A 205 -6.24 -9.92 12.24
CA HIS A 205 -6.12 -10.84 13.35
C HIS A 205 -7.50 -11.44 13.67
N ARG A 206 -8.53 -10.60 13.60
CA ARG A 206 -9.91 -11.04 13.85
C ARG A 206 -10.34 -12.12 12.85
N GLN A 207 -10.01 -11.92 11.57
CA GLN A 207 -10.35 -12.94 10.57
C GLN A 207 -9.59 -14.24 10.83
N TRP A 208 -8.32 -14.10 11.21
CA TRP A 208 -7.51 -15.27 11.47
C TRP A 208 -8.11 -16.08 12.64
N VAL A 209 -8.39 -15.40 13.74
CA VAL A 209 -8.96 -16.05 14.93
C VAL A 209 -10.29 -16.74 14.59
N ILE A 210 -11.19 -16.02 13.95
CA ILE A 210 -12.50 -16.58 13.59
C ILE A 210 -12.37 -17.82 12.70
N GLN A 211 -11.50 -17.73 11.70
CA GLN A 211 -11.35 -18.81 10.76
C GLN A 211 -10.67 -20.05 11.40
N GLU A 212 -9.56 -19.80 12.09
CA GLU A 212 -8.78 -20.89 12.67
C GLU A 212 -9.47 -21.61 13.82
N PHE A 213 -10.27 -20.87 14.59
CA PHE A 213 -10.96 -21.47 15.72
C PHE A 213 -12.46 -21.64 15.51
N ARG A 214 -12.92 -21.32 14.31
CA ARG A 214 -14.34 -21.46 13.95
C ARG A 214 -15.26 -20.70 14.88
N LEU A 215 -15.03 -19.39 15.01
CA LEU A 215 -15.81 -18.56 15.91
C LEU A 215 -16.74 -17.65 15.11
N TRP A 216 -17.56 -18.27 14.28
CA TRP A 216 -18.40 -17.56 13.32
C TRP A 216 -19.71 -17.04 13.90
N ASP A 217 -20.18 -17.68 14.96
CA ASP A 217 -21.56 -17.51 15.43
C ASP A 217 -22.04 -16.08 15.73
N ASN A 218 -21.18 -15.24 16.28
CA ASN A 218 -21.62 -13.91 16.69
C ASN A 218 -21.13 -12.75 15.82
N GLU A 219 -20.42 -13.05 14.72
CA GLU A 219 -19.73 -11.99 13.98
C GLU A 219 -20.65 -11.12 13.14
N LEU A 220 -21.66 -11.72 12.51
CA LEU A 220 -22.59 -10.91 11.74
C LEU A 220 -23.28 -9.89 12.66
N GLN A 221 -23.54 -10.31 13.89
CA GLN A 221 -24.12 -9.42 14.88
C GLN A 221 -23.14 -8.28 15.21
N TYR A 222 -21.85 -8.61 15.30
CA TYR A 222 -20.83 -7.59 15.56
C TYR A 222 -20.76 -6.61 14.40
N VAL A 223 -20.76 -7.14 13.17
CA VAL A 223 -20.73 -6.30 11.98
C VAL A 223 -21.90 -5.31 11.98
N ASP A 224 -23.09 -5.80 12.32
CA ASP A 224 -24.28 -4.98 12.30
C ASP A 224 -24.17 -3.84 13.30
N GLN A 225 -23.59 -4.14 14.46
CA GLN A 225 -23.33 -3.10 15.47
C GLN A 225 -22.41 -2.01 14.89
N LEU A 226 -21.31 -2.40 14.24
CA LEU A 226 -20.36 -1.41 13.73
C LEU A 226 -20.91 -0.62 12.54
N LEU A 227 -21.72 -1.26 11.72
CA LEU A 227 -22.35 -0.57 10.58
C LEU A 227 -23.33 0.50 11.09
N LYS A 228 -23.89 0.26 12.27
CA LYS A 228 -24.75 1.25 12.91
C LYS A 228 -23.93 2.44 13.39
N GLU A 229 -22.78 2.17 13.98
CA GLU A 229 -21.92 3.25 14.44
C GLU A 229 -21.40 4.10 13.27
N ASP A 230 -20.98 3.45 12.19
CA ASP A 230 -20.49 4.16 11.01
C ASP A 230 -20.70 3.33 9.75
N VAL A 231 -21.79 3.65 9.04
CA VAL A 231 -22.19 2.87 7.87
C VAL A 231 -21.19 3.09 6.72
N ARG A 232 -20.28 4.04 6.90
CA ARG A 232 -19.24 4.28 5.90
C ARG A 232 -17.96 3.48 6.16
N ASN A 233 -17.96 2.63 7.16
CA ASN A 233 -16.71 1.95 7.51
C ASN A 233 -16.46 0.77 6.58
N ASN A 234 -15.57 0.95 5.62
CA ASN A 234 -15.34 -0.05 4.59
C ASN A 234 -14.80 -1.37 5.15
N SER A 235 -14.09 -1.29 6.28
CA SER A 235 -13.51 -2.48 6.86
C SER A 235 -14.63 -3.38 7.34
N VAL A 236 -15.74 -2.75 7.74
CA VAL A 236 -16.88 -3.48 8.27
C VAL A 236 -17.71 -4.15 7.16
N TRP A 237 -17.93 -3.43 6.05
CA TRP A 237 -18.51 -4.05 4.84
C TRP A 237 -17.67 -5.26 4.36
N ASN A 238 -16.34 -5.12 4.40
CA ASN A 238 -15.47 -6.25 4.08
C ASN A 238 -15.70 -7.42 5.03
N GLN A 239 -15.80 -7.12 6.32
CA GLN A 239 -16.04 -8.19 7.29
C GLN A 239 -17.40 -8.85 7.06
N ARG A 240 -18.38 -8.06 6.63
CA ARG A 240 -19.70 -8.62 6.35
C ARG A 240 -19.55 -9.69 5.25
N HIS A 241 -18.84 -9.33 4.20
CA HIS A 241 -18.63 -10.25 3.10
C HIS A 241 -17.83 -11.47 3.54
N PHE A 242 -16.79 -11.24 4.35
CA PHE A 242 -16.00 -12.34 4.88
C PHE A 242 -16.86 -13.32 5.66
N VAL A 243 -17.74 -12.81 6.52
CA VAL A 243 -18.59 -13.66 7.33
C VAL A 243 -19.58 -14.46 6.48
N ILE A 244 -20.29 -13.78 5.60
CA ILE A 244 -21.29 -14.44 4.75
C ILE A 244 -20.67 -15.46 3.81
N SER A 245 -19.63 -15.03 3.08
CA SER A 245 -18.84 -15.92 2.21
C SER A 245 -18.51 -17.24 2.85
N ASN A 246 -18.13 -17.20 4.12
CA ASN A 246 -17.62 -18.39 4.77
C ASN A 246 -18.64 -19.16 5.58
N THR A 247 -19.86 -18.67 5.64
CA THR A 247 -20.88 -19.36 6.41
C THR A 247 -21.97 -19.90 5.48
N THR A 248 -22.92 -19.05 5.09
CA THR A 248 -23.98 -19.47 4.17
C THR A 248 -23.59 -19.40 2.70
N GLY A 249 -22.62 -18.54 2.38
CA GLY A 249 -22.32 -18.29 0.98
C GLY A 249 -23.36 -17.33 0.44
N TYR A 250 -23.13 -16.80 -0.75
CA TYR A 250 -24.11 -15.89 -1.38
C TYR A 250 -24.95 -16.58 -2.45
N SER A 251 -24.78 -17.89 -2.61
CA SER A 251 -25.57 -18.61 -3.61
C SER A 251 -26.96 -18.88 -3.09
N ASP A 252 -27.09 -18.94 -1.78
CA ASP A 252 -28.38 -19.08 -1.14
C ASP A 252 -29.23 -17.85 -1.47
N ARG A 253 -30.31 -18.07 -2.21
CA ARG A 253 -31.11 -16.97 -2.73
C ARG A 253 -31.74 -16.10 -1.67
N ALA A 254 -32.13 -16.71 -0.55
CA ALA A 254 -32.71 -15.92 0.52
C ALA A 254 -31.63 -15.02 1.16
N VAL A 255 -30.40 -15.50 1.26
CA VAL A 255 -29.32 -14.68 1.81
C VAL A 255 -28.99 -13.52 0.89
N LEU A 256 -28.77 -13.81 -0.38
CA LEU A 256 -28.47 -12.78 -1.36
C LEU A 256 -29.54 -11.72 -1.38
N GLU A 257 -30.79 -12.16 -1.44
CA GLU A 257 -31.92 -11.25 -1.47
C GLU A 257 -31.88 -10.37 -0.24
N ARG A 258 -31.70 -10.97 0.93
CA ARG A 258 -31.60 -10.23 2.19
C ARG A 258 -30.49 -9.17 2.14
N GLU A 259 -29.33 -9.55 1.61
CA GLU A 259 -28.17 -8.66 1.57
C GLU A 259 -28.41 -7.48 0.64
N VAL A 260 -29.01 -7.76 -0.51
CA VAL A 260 -29.30 -6.71 -1.48
C VAL A 260 -30.33 -5.73 -0.91
N GLN A 261 -31.42 -6.24 -0.34
CA GLN A 261 -32.41 -5.36 0.32
C GLN A 261 -31.73 -4.51 1.40
N TYR A 262 -30.88 -5.12 2.19
CA TYR A 262 -30.18 -4.40 3.26
C TYR A 262 -29.36 -3.27 2.66
N THR A 263 -28.59 -3.60 1.63
CA THR A 263 -27.69 -2.63 1.01
C THR A 263 -28.45 -1.48 0.34
N LEU A 264 -29.56 -1.79 -0.32
CA LEU A 264 -30.37 -0.77 -0.97
C LEU A 264 -30.95 0.15 0.07
N GLU A 265 -31.37 -0.42 1.20
CA GLU A 265 -31.85 0.40 2.30
C GLU A 265 -30.77 1.35 2.84
N MET A 266 -29.53 0.87 2.92
CA MET A 266 -28.43 1.71 3.39
C MET A 266 -28.13 2.80 2.38
N ILE A 267 -28.16 2.44 1.10
CA ILE A 267 -27.96 3.41 0.03
C ILE A 267 -28.99 4.54 0.08
N LYS A 268 -30.24 4.19 0.39
CA LYS A 268 -31.30 5.20 0.45
C LYS A 268 -31.05 6.15 1.60
N LEU A 269 -30.51 5.63 2.70
CA LEU A 269 -30.20 6.47 3.85
C LEU A 269 -28.99 7.37 3.59
N VAL A 270 -28.01 6.86 2.84
CA VAL A 270 -26.76 7.57 2.61
C VAL A 270 -26.30 7.39 1.17
N PRO A 271 -26.97 8.07 0.23
CA PRO A 271 -26.77 7.80 -1.18
C PRO A 271 -25.36 8.03 -1.70
N HIS A 272 -24.58 8.86 -1.02
CA HIS A 272 -23.20 9.12 -1.44
C HIS A 272 -22.15 8.28 -0.69
N ASN A 273 -22.61 7.27 0.05
CA ASN A 273 -21.69 6.38 0.73
C ASN A 273 -21.19 5.34 -0.26
N GLU A 274 -19.93 5.46 -0.67
CA GLU A 274 -19.37 4.56 -1.68
C GLU A 274 -19.29 3.08 -1.25
N SER A 275 -19.12 2.83 0.05
CA SER A 275 -18.96 1.43 0.51
C SER A 275 -20.18 0.56 0.19
N ALA A 276 -21.37 1.07 0.50
CA ALA A 276 -22.60 0.32 0.22
C ALA A 276 -22.71 0.01 -1.28
N TRP A 277 -22.37 0.98 -2.12
CA TRP A 277 -22.37 0.79 -3.57
C TRP A 277 -21.41 -0.29 -4.05
N ASN A 278 -20.18 -0.27 -3.52
CA ASN A 278 -19.21 -1.31 -3.86
C ASN A 278 -19.61 -2.69 -3.35
N TYR A 279 -20.30 -2.74 -2.23
CA TYR A 279 -20.74 -4.03 -1.72
C TYR A 279 -21.88 -4.59 -2.58
N LEU A 280 -22.83 -3.73 -2.96
CA LEU A 280 -23.92 -4.16 -3.84
C LEU A 280 -23.35 -4.72 -5.14
N LYS A 281 -22.41 -3.99 -5.73
CA LYS A 281 -21.78 -4.45 -6.95
C LYS A 281 -20.97 -5.73 -6.72
N GLY A 282 -20.27 -5.78 -5.59
CA GLY A 282 -19.40 -6.91 -5.30
C GLY A 282 -20.17 -8.21 -5.21
N ILE A 283 -21.33 -8.19 -4.56
CA ILE A 283 -22.08 -9.43 -4.33
C ILE A 283 -22.92 -9.85 -5.53
N LEU A 284 -23.12 -8.94 -6.48
CA LEU A 284 -23.92 -9.25 -7.67
C LEU A 284 -23.09 -9.55 -8.91
N GLN A 285 -21.84 -9.09 -8.95
CA GLN A 285 -21.11 -9.03 -10.21
C GLN A 285 -20.52 -10.34 -10.72
N ASP A 286 -20.29 -11.31 -9.84
CA ASP A 286 -19.66 -12.53 -10.33
C ASP A 286 -20.65 -13.36 -11.14
N ARG A 287 -21.91 -13.34 -10.71
CA ARG A 287 -22.97 -13.95 -11.50
C ARG A 287 -23.32 -13.07 -12.71
N GLY A 288 -23.02 -11.78 -12.63
CA GLY A 288 -23.23 -10.89 -13.77
C GLY A 288 -24.43 -10.00 -13.51
N LEU A 289 -24.23 -8.69 -13.58
CA LEU A 289 -25.30 -7.74 -13.25
C LEU A 289 -26.55 -7.95 -14.12
N SER A 290 -26.37 -8.32 -15.37
CA SER A 290 -27.51 -8.52 -16.26
C SER A 290 -28.39 -9.72 -15.85
N ARG A 291 -27.88 -10.55 -14.94
CA ARG A 291 -28.64 -11.72 -14.47
C ARG A 291 -29.85 -11.26 -13.62
N TYR A 292 -29.84 -9.99 -13.23
CA TYR A 292 -30.85 -9.46 -12.32
C TYR A 292 -31.67 -8.34 -12.94
N PRO A 293 -32.65 -8.70 -13.80
CA PRO A 293 -33.39 -7.73 -14.60
C PRO A 293 -34.07 -6.63 -13.80
N ASN A 294 -34.55 -6.88 -12.59
CA ASN A 294 -35.22 -5.84 -11.83
C ASN A 294 -34.29 -4.75 -11.29
N LEU A 295 -33.00 -5.07 -11.15
CA LEU A 295 -32.06 -4.18 -10.51
C LEU A 295 -32.02 -2.81 -11.22
N LEU A 296 -31.93 -2.86 -12.54
CA LEU A 296 -31.87 -1.66 -13.36
C LEU A 296 -33.04 -0.70 -13.09
N ASN A 297 -34.26 -1.19 -13.26
CA ASN A 297 -35.43 -0.35 -13.03
C ASN A 297 -35.46 0.20 -11.62
N GLN A 298 -35.00 -0.58 -10.66
CA GLN A 298 -35.04 -0.13 -9.27
C GLN A 298 -33.99 0.96 -9.00
N LEU A 299 -32.88 0.91 -9.72
CA LEU A 299 -31.87 1.94 -9.59
C LEU A 299 -32.35 3.22 -10.25
N LEU A 300 -32.92 3.10 -11.45
CA LEU A 300 -33.46 4.25 -12.14
C LEU A 300 -34.49 4.97 -11.25
N ASP A 301 -35.19 4.22 -10.42
CA ASP A 301 -36.18 4.82 -9.53
C ASP A 301 -35.56 5.61 -8.38
N LEU A 302 -34.27 5.43 -8.17
CA LEU A 302 -33.56 6.23 -7.18
C LEU A 302 -32.97 7.50 -7.82
N GLN A 303 -32.87 7.51 -9.14
CA GLN A 303 -32.34 8.68 -9.88
C GLN A 303 -32.84 10.02 -9.35
N PRO A 304 -34.17 10.28 -9.43
CA PRO A 304 -34.75 11.54 -8.97
C PRO A 304 -34.11 12.09 -7.71
N SER A 305 -34.34 11.45 -6.57
CA SER A 305 -33.92 12.04 -5.29
C SER A 305 -32.87 11.25 -4.50
N HIS A 306 -32.13 10.37 -5.15
CA HIS A 306 -31.05 9.63 -4.50
C HIS A 306 -29.86 9.43 -5.42
N SER A 307 -29.68 10.36 -6.36
CA SER A 307 -28.64 10.21 -7.37
C SER A 307 -27.24 10.51 -6.83
N SER A 308 -26.24 10.06 -7.57
CA SER A 308 -24.85 10.25 -7.22
C SER A 308 -24.08 9.78 -8.42
N PRO A 309 -22.77 10.11 -8.49
CA PRO A 309 -22.00 9.52 -9.55
C PRO A 309 -21.93 8.01 -9.40
N TYR A 310 -22.17 7.52 -8.18
CA TYR A 310 -22.11 6.09 -7.92
C TYR A 310 -23.30 5.38 -8.58
N LEU A 311 -24.47 5.99 -8.51
CA LEU A 311 -25.64 5.40 -9.17
C LEU A 311 -25.43 5.36 -10.67
N ILE A 312 -24.95 6.48 -11.22
CA ILE A 312 -24.74 6.59 -12.66
C ILE A 312 -23.72 5.57 -13.13
N ALA A 313 -22.66 5.41 -12.35
CA ALA A 313 -21.60 4.47 -12.69
C ALA A 313 -22.11 3.03 -12.67
N PHE A 314 -22.96 2.72 -11.68
CA PHE A 314 -23.57 1.40 -11.55
C PHE A 314 -24.44 1.09 -12.78
N LEU A 315 -25.26 2.07 -13.19
CA LEU A 315 -26.03 1.96 -14.43
C LEU A 315 -25.16 1.53 -15.60
N VAL A 316 -23.98 2.16 -15.72
CA VAL A 316 -23.10 1.83 -16.84
C VAL A 316 -22.60 0.39 -16.72
N ASP A 317 -22.35 -0.04 -15.49
CA ASP A 317 -21.90 -1.41 -15.25
C ASP A 317 -23.00 -2.40 -15.66
N ILE A 318 -24.24 -2.06 -15.34
CA ILE A 318 -25.37 -2.92 -15.73
C ILE A 318 -25.46 -3.00 -17.25
N TYR A 319 -25.40 -1.84 -17.91
CA TYR A 319 -25.47 -1.79 -19.37
C TYR A 319 -24.33 -2.57 -20.02
N GLU A 320 -23.13 -2.40 -19.50
CA GLU A 320 -21.97 -3.12 -20.01
C GLU A 320 -22.24 -4.63 -19.98
N ASP A 321 -22.75 -5.14 -18.86
CA ASP A 321 -22.98 -6.57 -18.77
C ASP A 321 -24.13 -7.01 -19.69
N MET A 322 -25.17 -6.19 -19.79
CA MET A 322 -26.27 -6.49 -20.71
C MET A 322 -25.73 -6.69 -22.12
N LEU A 323 -24.90 -5.76 -22.58
CA LEU A 323 -24.31 -5.81 -23.91
C LEU A 323 -23.41 -7.03 -24.08
N GLU A 324 -22.79 -7.45 -22.98
CA GLU A 324 -21.89 -8.60 -23.00
C GLU A 324 -22.67 -9.89 -23.22
N ASN A 325 -23.89 -9.93 -22.69
CA ASN A 325 -24.73 -11.11 -22.82
C ASN A 325 -25.84 -10.90 -23.85
N GLN A 326 -25.49 -10.17 -24.91
CA GLN A 326 -26.41 -9.90 -26.03
C GLN A 326 -27.88 -9.75 -25.63
N CYS A 327 -28.21 -8.59 -25.08
CA CYS A 327 -29.56 -8.29 -24.63
C CYS A 327 -30.46 -7.86 -25.78
N ASP A 328 -31.75 -7.71 -25.49
CA ASP A 328 -32.67 -7.07 -26.44
C ASP A 328 -32.31 -5.60 -26.56
N ASN A 329 -32.54 -5.03 -27.74
CA ASN A 329 -32.30 -3.61 -27.97
C ASN A 329 -30.83 -3.25 -27.81
N LYS A 330 -29.94 -4.07 -28.37
CA LYS A 330 -28.51 -3.88 -28.29
C LYS A 330 -28.13 -2.40 -28.36
N GLU A 331 -28.49 -1.77 -29.47
CA GLU A 331 -28.04 -0.42 -29.76
C GLU A 331 -28.63 0.64 -28.84
N ASP A 332 -29.88 0.46 -28.46
CA ASP A 332 -30.51 1.35 -27.50
C ASP A 332 -29.72 1.37 -26.19
N ILE A 333 -29.31 0.19 -25.74
CA ILE A 333 -28.56 0.05 -24.48
C ILE A 333 -27.20 0.71 -24.61
N LEU A 334 -26.51 0.42 -25.72
CA LEU A 334 -25.23 1.01 -26.01
C LEU A 334 -25.27 2.54 -25.89
N ASN A 335 -26.21 3.16 -26.60
CA ASN A 335 -26.30 4.61 -26.61
C ASN A 335 -26.65 5.18 -25.24
N LYS A 336 -27.43 4.44 -24.47
CA LYS A 336 -27.71 4.88 -23.10
C LYS A 336 -26.40 4.89 -22.30
N ALA A 337 -25.63 3.81 -22.43
CA ALA A 337 -24.34 3.67 -21.76
C ALA A 337 -23.36 4.76 -22.18
N LEU A 338 -23.28 5.01 -23.48
CA LEU A 338 -22.34 6.00 -24.00
C LEU A 338 -22.70 7.38 -23.55
N GLU A 339 -23.99 7.67 -23.46
CA GLU A 339 -24.43 8.94 -22.94
C GLU A 339 -23.96 9.12 -21.49
N LEU A 340 -24.14 8.08 -20.68
CA LEU A 340 -23.77 8.15 -19.27
C LEU A 340 -22.25 8.31 -19.11
N CYS A 341 -21.49 7.61 -19.93
CA CYS A 341 -20.04 7.73 -19.89
C CYS A 341 -19.62 9.16 -20.12
N GLU A 342 -20.26 9.83 -21.06
CA GLU A 342 -19.95 11.23 -21.34
C GLU A 342 -20.40 12.15 -20.21
N ILE A 343 -21.60 11.94 -19.68
CA ILE A 343 -22.05 12.71 -18.53
C ILE A 343 -21.05 12.61 -17.36
N LEU A 344 -20.59 11.39 -17.09
CA LEU A 344 -19.59 11.14 -16.05
C LEU A 344 -18.25 11.82 -16.35
N ALA A 345 -17.75 11.63 -17.56
CA ALA A 345 -16.47 12.18 -17.95
C ALA A 345 -16.46 13.70 -17.95
N LYS A 346 -17.55 14.33 -18.38
CA LYS A 346 -17.60 15.78 -18.57
C LYS A 346 -18.15 16.56 -17.40
N GLU A 347 -18.99 15.94 -16.59
CA GLU A 347 -19.72 16.69 -15.57
C GLU A 347 -19.73 16.05 -14.19
N LYS A 348 -20.13 14.79 -14.12
CA LYS A 348 -20.45 14.17 -12.82
C LYS A 348 -19.28 13.46 -12.15
N ASP A 349 -18.26 13.08 -12.92
CA ASP A 349 -17.16 12.34 -12.33
C ASP A 349 -15.88 12.62 -13.09
N THR A 350 -15.58 13.91 -13.26
CA THR A 350 -14.48 14.32 -14.11
C THR A 350 -13.09 13.87 -13.60
N ILE A 351 -12.96 13.61 -12.30
CA ILE A 351 -11.67 13.14 -11.80
C ILE A 351 -11.32 11.83 -12.54
N ARG A 352 -12.36 11.07 -12.88
CA ARG A 352 -12.20 9.82 -13.64
C ARG A 352 -12.50 9.95 -15.16
N LYS A 353 -12.30 11.13 -15.71
CA LYS A 353 -12.57 11.34 -17.13
C LYS A 353 -11.84 10.34 -18.05
N GLU A 354 -10.57 10.05 -17.76
CA GLU A 354 -9.83 9.09 -18.60
C GLU A 354 -10.39 7.68 -18.52
N TYR A 355 -10.88 7.30 -17.35
CA TYR A 355 -11.44 5.97 -17.21
C TYR A 355 -12.77 5.88 -17.95
N TRP A 356 -13.62 6.87 -17.75
CA TRP A 356 -14.92 6.88 -18.38
C TRP A 356 -14.83 6.99 -19.91
N ARG A 357 -13.81 7.68 -20.42
CA ARG A 357 -13.66 7.76 -21.87
C ARG A 357 -13.14 6.43 -22.39
N TYR A 358 -12.28 5.78 -21.61
CA TYR A 358 -11.81 4.45 -21.96
C TYR A 358 -12.98 3.47 -22.00
N ILE A 359 -13.89 3.55 -21.02
CA ILE A 359 -15.04 2.66 -21.01
C ILE A 359 -15.92 2.92 -22.25
N GLY A 360 -16.14 4.20 -22.55
CA GLY A 360 -16.96 4.58 -23.69
C GLY A 360 -16.40 4.01 -24.97
N ARG A 361 -15.09 4.15 -25.13
CA ARG A 361 -14.40 3.65 -26.31
C ARG A 361 -14.47 2.13 -26.36
N SER A 362 -14.28 1.50 -25.21
CA SER A 362 -14.34 0.05 -25.09
C SER A 362 -15.69 -0.52 -25.55
N LEU A 363 -16.78 0.09 -25.07
CA LEU A 363 -18.12 -0.35 -25.39
C LEU A 363 -18.39 -0.16 -26.88
N GLN A 364 -18.01 1.01 -27.38
CA GLN A 364 -18.15 1.34 -28.81
C GLN A 364 -17.44 0.29 -29.65
N SER A 365 -16.19 0.04 -29.31
CA SER A 365 -15.36 -0.86 -30.07
C SER A 365 -15.90 -2.28 -30.17
N LYS A 366 -16.57 -2.77 -29.13
CA LYS A 366 -17.02 -4.16 -29.22
C LYS A 366 -18.53 -4.40 -29.32
N HIS A 367 -19.34 -3.36 -29.15
CA HIS A 367 -20.79 -3.56 -29.17
C HIS A 367 -21.54 -2.72 -30.21
N SER A 368 -20.84 -1.92 -30.99
CA SER A 368 -21.54 -1.11 -32.00
C SER A 368 -22.04 -2.01 -33.13
N ARG A 369 -23.02 -1.52 -33.89
CA ARG A 369 -23.59 -2.34 -34.95
C ARG A 369 -22.53 -2.71 -36.00
N GLU A 370 -21.49 -1.88 -36.09
CA GLU A 370 -20.40 -2.09 -37.05
C GLU A 370 -19.30 -3.03 -36.54
N SER A 371 -19.39 -3.39 -35.26
CA SER A 371 -18.33 -4.15 -34.58
C SER A 371 -17.95 -5.47 -35.25
N ASP A 372 -18.93 -6.26 -35.70
CA ASP A 372 -18.62 -7.55 -36.32
C ASP A 372 -18.60 -7.48 -37.85
N ILE A 373 -18.87 -6.30 -38.39
CA ILE A 373 -18.97 -6.08 -39.83
C ILE A 373 -17.60 -6.01 -40.53
N PRO A 374 -17.38 -6.88 -41.52
CA PRO A 374 -16.13 -6.90 -42.29
C PRO A 374 -15.82 -5.55 -42.97
N ALA A 375 -14.54 -5.26 -43.14
CA ALA A 375 -14.10 -3.97 -43.70
C ALA A 375 -14.64 -3.73 -45.12
N SER A 376 -14.83 -4.81 -45.88
CA SER A 376 -15.28 -4.71 -47.28
C SER A 376 -16.75 -4.23 -47.41
N VAL A 377 -17.58 -4.58 -46.43
CA VAL A 377 -18.98 -4.17 -46.41
C VAL A 377 -19.13 -2.65 -46.48
N PRO B 17 -8.89 31.47 -22.79
CA PRO B 17 -9.56 32.72 -22.42
C PRO B 17 -9.00 33.31 -21.12
N VAL B 18 -9.30 34.58 -20.87
CA VAL B 18 -8.74 35.30 -19.73
C VAL B 18 -9.40 34.90 -18.41
N TRP B 19 -10.69 34.56 -18.47
CA TRP B 19 -11.44 34.15 -17.28
C TRP B 19 -11.07 32.73 -16.86
N SER B 20 -10.43 32.00 -17.76
CA SER B 20 -10.14 30.57 -17.58
C SER B 20 -9.05 30.31 -16.55
N GLU B 21 -9.31 29.38 -15.64
CA GLU B 21 -8.31 28.93 -14.68
C GLU B 21 -7.60 27.67 -15.21
N PRO B 22 -6.28 27.74 -15.45
CA PRO B 22 -5.59 26.56 -15.99
C PRO B 22 -5.43 25.44 -14.94
N LEU B 23 -5.48 25.77 -13.65
CA LEU B 23 -5.38 24.75 -12.61
C LEU B 23 -6.73 24.14 -12.27
N TYR B 24 -6.83 22.84 -12.48
CA TYR B 24 -8.08 22.07 -12.25
C TYR B 24 -8.66 22.27 -10.85
N SER B 25 -7.80 22.26 -9.83
CA SER B 25 -8.27 22.34 -8.46
C SER B 25 -8.80 23.70 -8.10
N LEU B 26 -8.46 24.72 -8.88
CA LEU B 26 -8.86 26.11 -8.58
C LEU B 26 -10.06 26.62 -9.40
N ARG B 27 -10.58 25.77 -10.28
CA ARG B 27 -11.73 26.19 -11.06
C ARG B 27 -12.97 26.28 -10.18
N PRO B 28 -13.89 27.19 -10.53
CA PRO B 28 -15.14 27.36 -9.78
C PRO B 28 -15.97 26.07 -9.68
N GLU B 29 -15.98 25.25 -10.73
CA GLU B 29 -16.75 23.98 -10.69
C GLU B 29 -16.19 23.06 -9.60
N HIS B 30 -14.90 23.19 -9.33
CA HIS B 30 -14.24 22.26 -8.42
C HIS B 30 -14.92 22.22 -7.05
N ALA B 31 -15.54 23.33 -6.66
CA ALA B 31 -16.19 23.40 -5.35
C ALA B 31 -17.35 22.42 -5.25
N ARG B 32 -17.88 21.99 -6.40
CA ARG B 32 -18.98 21.03 -6.41
C ARG B 32 -18.50 19.62 -6.07
N GLU B 33 -17.19 19.44 -5.97
CA GLU B 33 -16.60 18.14 -5.66
C GLU B 33 -16.44 17.93 -4.16
N ARG B 34 -16.82 18.92 -3.36
CA ARG B 34 -16.76 18.78 -1.89
C ARG B 34 -17.70 17.68 -1.40
N LEU B 35 -17.37 17.08 -0.25
CA LEU B 35 -18.11 15.95 0.28
C LEU B 35 -19.60 16.24 0.47
N GLN B 36 -20.42 15.34 -0.04
CA GLN B 36 -21.84 15.38 0.29
C GLN B 36 -22.13 14.29 1.31
N ASP B 37 -22.43 14.69 2.54
CA ASP B 37 -22.59 13.73 3.62
C ASP B 37 -24.05 13.35 3.88
N ASP B 38 -24.94 13.80 3.01
CA ASP B 38 -26.35 13.44 3.06
C ASP B 38 -26.97 13.74 4.41
N SER B 39 -26.41 14.72 5.10
CA SER B 39 -26.87 15.09 6.45
C SER B 39 -26.79 13.93 7.44
N VAL B 40 -26.01 12.91 7.10
CA VAL B 40 -25.77 11.83 8.03
C VAL B 40 -24.29 11.86 8.42
N GLU B 41 -24.00 12.27 9.64
CA GLU B 41 -22.62 12.39 10.07
C GLU B 41 -22.14 11.12 10.75
N THR B 42 -20.95 10.67 10.35
CA THR B 42 -20.24 9.59 11.05
C THR B 42 -18.76 9.98 11.17
N VAL B 43 -17.99 9.18 11.92
CA VAL B 43 -16.58 9.47 12.07
C VAL B 43 -15.90 9.60 10.70
N THR B 44 -16.22 8.70 9.78
CA THR B 44 -15.65 8.78 8.43
C THR B 44 -15.88 10.15 7.76
N SER B 45 -17.12 10.65 7.77
CA SER B 45 -17.40 11.89 7.04
C SER B 45 -16.86 13.11 7.76
N ILE B 46 -16.88 13.07 9.08
CA ILE B 46 -16.32 14.15 9.87
C ILE B 46 -14.83 14.28 9.55
N GLU B 47 -14.12 13.16 9.49
CA GLU B 47 -12.69 13.18 9.20
C GLU B 47 -12.39 13.63 7.78
N GLN B 48 -13.18 13.15 6.83
CA GLN B 48 -13.01 13.54 5.44
C GLN B 48 -13.26 15.06 5.27
N ALA B 49 -14.29 15.58 5.93
CA ALA B 49 -14.60 17.02 5.84
C ALA B 49 -13.45 17.89 6.34
N LYS B 50 -12.82 17.47 7.43
CA LYS B 50 -11.70 18.21 8.01
C LYS B 50 -10.57 18.30 7.03
N VAL B 51 -10.24 17.18 6.38
CA VAL B 51 -9.19 17.21 5.37
C VAL B 51 -9.54 18.16 4.22
N GLU B 52 -10.78 18.08 3.74
CA GLU B 52 -11.20 18.90 2.61
C GLU B 52 -11.11 20.38 2.92
N GLU B 53 -11.47 20.74 4.14
CA GLU B 53 -11.47 22.13 4.53
C GLU B 53 -10.03 22.63 4.55
N LYS B 54 -9.12 21.80 5.05
CA LYS B 54 -7.70 22.14 5.11
C LYS B 54 -7.12 22.28 3.70
N ILE B 55 -7.51 21.36 2.83
CA ILE B 55 -7.05 21.40 1.46
C ILE B 55 -7.62 22.60 0.71
N GLN B 56 -8.90 22.91 0.94
CA GLN B 56 -9.52 24.06 0.29
C GLN B 56 -8.78 25.35 0.65
N GLU B 57 -8.37 25.48 1.91
CA GLU B 57 -7.55 26.61 2.34
C GLU B 57 -6.26 26.71 1.56
N VAL B 58 -5.60 25.58 1.33
CA VAL B 58 -4.41 25.60 0.49
C VAL B 58 -4.75 26.06 -0.92
N PHE B 59 -5.77 25.46 -1.52
CA PHE B 59 -6.17 25.82 -2.90
C PHE B 59 -6.50 27.31 -3.00
N SER B 60 -7.17 27.84 -1.98
CA SER B 60 -7.65 29.21 -1.99
C SER B 60 -6.62 30.27 -1.60
N SER B 61 -5.52 29.85 -0.98
CA SER B 61 -4.52 30.78 -0.46
C SER B 61 -4.06 31.83 -1.49
N TYR B 62 -3.84 31.41 -2.73
CA TYR B 62 -3.46 32.34 -3.81
C TYR B 62 -4.50 33.45 -3.99
N LYS B 63 -5.76 33.04 -4.09
CA LYS B 63 -6.85 33.97 -4.33
C LYS B 63 -7.06 34.91 -3.15
N PHE B 64 -7.02 34.38 -1.93
CA PHE B 64 -7.14 35.20 -0.74
C PHE B 64 -5.95 36.16 -0.58
N ASN B 65 -4.76 35.73 -1.00
CA ASN B 65 -3.56 36.56 -0.94
C ASN B 65 -3.32 37.41 -2.21
N HIS B 66 -4.21 37.27 -3.18
CA HIS B 66 -4.15 38.09 -4.39
C HIS B 66 -2.85 37.91 -5.16
N LEU B 67 -2.46 36.65 -5.38
CA LEU B 67 -1.26 36.32 -6.13
C LEU B 67 -1.66 35.36 -7.26
N VAL B 68 -0.89 35.31 -8.33
CA VAL B 68 -1.14 34.26 -9.30
C VAL B 68 -0.40 32.97 -8.90
N PRO B 69 -1.11 31.84 -8.91
CA PRO B 69 -0.53 30.57 -8.49
C PRO B 69 0.67 30.23 -9.35
N ARG B 70 1.73 29.72 -8.73
CA ARG B 70 2.89 29.25 -9.46
C ARG B 70 3.32 27.92 -8.84
N LEU B 71 3.22 26.83 -9.60
CA LEU B 71 3.52 25.54 -9.04
C LEU B 71 4.97 25.18 -9.29
N VAL B 72 5.76 25.20 -8.22
CA VAL B 72 7.19 24.97 -8.30
C VAL B 72 7.62 23.81 -7.40
N LEU B 73 8.27 22.83 -8.01
CA LEU B 73 8.88 21.76 -7.22
C LEU B 73 10.15 22.36 -6.61
N GLN B 74 10.24 22.36 -5.29
CA GLN B 74 11.36 23.03 -4.63
C GLN B 74 12.61 22.15 -4.63
N ARG B 75 13.20 21.97 -5.80
CA ARG B 75 14.30 21.00 -5.99
C ARG B 75 15.51 21.20 -5.09
N GLU B 76 15.92 22.45 -4.95
CA GLU B 76 17.13 22.72 -4.20
C GLU B 76 16.90 22.36 -2.73
N LYS B 77 15.76 22.75 -2.20
CA LYS B 77 15.39 22.42 -0.83
C LYS B 77 15.33 20.90 -0.61
N HIS B 78 14.72 20.18 -1.56
CA HIS B 78 14.60 18.73 -1.43
C HIS B 78 16.00 18.10 -1.49
N PHE B 79 16.83 18.58 -2.41
CA PHE B 79 18.19 18.07 -2.52
C PHE B 79 18.99 18.22 -1.21
N HIS B 80 18.88 19.38 -0.58
CA HIS B 80 19.63 19.60 0.67
C HIS B 80 19.18 18.66 1.76
N TYR B 81 17.86 18.49 1.89
CA TYR B 81 17.29 17.57 2.85
C TYR B 81 17.82 16.14 2.62
N LEU B 82 17.77 15.70 1.37
CA LEU B 82 18.25 14.36 0.98
C LEU B 82 19.75 14.13 1.17
N LYS B 83 20.54 15.07 0.66
CA LYS B 83 21.99 14.96 0.71
C LYS B 83 22.45 14.79 2.16
N ARG B 84 21.81 15.51 3.07
CA ARG B 84 22.16 15.40 4.47
C ARG B 84 21.69 14.07 5.07
N GLY B 85 20.42 13.74 4.86
CA GLY B 85 19.86 12.49 5.38
C GLY B 85 20.62 11.24 5.00
N LEU B 86 21.26 11.26 3.84
CA LEU B 86 21.97 10.08 3.33
C LEU B 86 23.14 9.77 4.24
N ARG B 87 23.56 10.77 4.99
CA ARG B 87 24.70 10.65 5.86
C ARG B 87 24.25 10.51 7.30
N GLN B 88 23.34 11.39 7.71
CA GLN B 88 23.03 11.46 9.12
C GLN B 88 21.57 11.80 9.37
N LEU B 89 20.97 11.13 10.34
CA LEU B 89 19.57 11.36 10.68
C LEU B 89 19.39 11.63 12.17
N THR B 90 18.40 12.46 12.52
CA THR B 90 18.13 12.72 13.93
C THR B 90 17.46 11.50 14.61
N ASP B 91 17.28 11.57 15.93
CA ASP B 91 16.67 10.44 16.64
C ASP B 91 15.18 10.32 16.35
N ALA B 92 14.65 11.23 15.54
CA ALA B 92 13.29 11.05 15.04
C ALA B 92 13.20 9.74 14.24
N TYR B 93 14.36 9.27 13.78
CA TYR B 93 14.45 8.08 12.94
C TYR B 93 14.80 6.80 13.72
N GLU B 94 14.77 6.87 15.04
CA GLU B 94 15.00 5.66 15.85
C GLU B 94 14.06 4.52 15.49
N CYS B 95 12.81 4.86 15.17
CA CYS B 95 11.79 3.84 14.86
C CYS B 95 12.08 3.15 13.52
N LEU B 96 13.07 3.65 12.79
CA LEU B 96 13.50 3.05 11.53
C LEU B 96 14.87 2.40 11.63
N ASP B 97 15.33 2.18 12.87
CA ASP B 97 16.62 1.55 13.12
C ASP B 97 16.70 0.10 12.60
N ALA B 98 15.56 -0.54 12.36
CA ALA B 98 15.56 -1.88 11.77
C ALA B 98 15.18 -1.85 10.29
N SER B 99 15.32 -0.67 9.70
CA SER B 99 14.91 -0.43 8.32
C SER B 99 15.90 0.47 7.59
N ARG B 100 17.17 0.39 7.94
CA ARG B 100 18.11 1.34 7.37
C ARG B 100 18.34 1.22 5.86
N PRO B 101 18.27 0.00 5.32
CA PRO B 101 18.37 -0.09 3.86
C PRO B 101 17.17 0.58 3.17
N TRP B 102 16.04 0.64 3.84
CA TRP B 102 14.92 1.43 3.29
C TRP B 102 15.29 2.89 3.19
N LEU B 103 15.95 3.39 4.22
CA LEU B 103 16.39 4.80 4.19
C LEU B 103 17.34 5.01 3.03
N CYS B 104 18.27 4.09 2.82
CA CYS B 104 19.18 4.20 1.68
C CYS B 104 18.40 4.27 0.37
N TYR B 105 17.44 3.35 0.22
CA TYR B 105 16.66 3.30 -1.01
C TYR B 105 15.82 4.55 -1.21
N TRP B 106 15.06 4.96 -0.19
CA TRP B 106 14.21 6.14 -0.34
C TRP B 106 15.01 7.36 -0.75
N ILE B 107 16.18 7.55 -0.14
CA ILE B 107 16.96 8.75 -0.38
C ILE B 107 17.64 8.69 -1.74
N LEU B 108 18.33 7.58 -2.03
CA LEU B 108 18.96 7.43 -3.34
C LEU B 108 17.95 7.55 -4.49
N HIS B 109 16.77 6.98 -4.30
CA HIS B 109 15.76 7.03 -5.36
C HIS B 109 15.23 8.45 -5.55
N SER B 110 15.02 9.16 -4.44
CA SER B 110 14.58 10.55 -4.55
C SER B 110 15.64 11.37 -5.30
N LEU B 111 16.91 11.14 -4.97
CA LEU B 111 18.00 11.87 -5.63
C LEU B 111 18.07 11.56 -7.11
N GLU B 112 17.85 10.29 -7.45
CA GLU B 112 17.80 9.83 -8.84
C GLU B 112 16.64 10.50 -9.63
N LEU B 113 15.46 10.58 -9.01
CA LEU B 113 14.31 11.26 -9.63
C LEU B 113 14.60 12.74 -9.90
N LEU B 114 15.33 13.36 -8.98
CA LEU B 114 15.70 14.76 -9.10
C LEU B 114 16.93 14.95 -9.99
N ASP B 115 17.41 13.86 -10.57
CA ASP B 115 18.56 13.88 -11.47
C ASP B 115 19.82 14.44 -10.83
N GLU B 116 20.05 14.11 -9.56
CA GLU B 116 21.25 14.51 -8.84
C GLU B 116 22.22 13.34 -8.82
N PRO B 117 23.46 13.56 -9.26
CA PRO B 117 24.40 12.44 -9.33
C PRO B 117 24.77 11.89 -7.96
N ILE B 118 25.19 10.63 -7.93
CA ILE B 118 25.65 10.04 -6.69
C ILE B 118 27.16 10.04 -6.70
N PRO B 119 27.78 10.86 -5.85
CA PRO B 119 29.24 10.88 -5.79
C PRO B 119 29.78 9.47 -5.58
N GLN B 120 30.95 9.17 -6.15
CA GLN B 120 31.48 7.82 -6.06
C GLN B 120 31.85 7.45 -4.63
N ILE B 121 32.23 8.46 -3.86
CA ILE B 121 32.49 8.31 -2.45
C ILE B 121 31.22 7.84 -1.73
N VAL B 122 30.10 8.49 -2.03
CA VAL B 122 28.82 8.07 -1.47
C VAL B 122 28.49 6.64 -1.90
N ALA B 123 28.54 6.39 -3.20
CA ALA B 123 28.25 5.07 -3.75
C ALA B 123 29.00 3.95 -3.02
N THR B 124 30.31 4.11 -2.86
CA THR B 124 31.11 3.11 -2.17
C THR B 124 30.73 2.97 -0.70
N ASP B 125 30.45 4.08 -0.01
CA ASP B 125 30.05 3.97 1.38
C ASP B 125 28.74 3.20 1.54
N VAL B 126 27.76 3.50 0.69
CA VAL B 126 26.49 2.77 0.69
C VAL B 126 26.72 1.29 0.44
N CYS B 127 27.56 0.96 -0.55
CA CYS B 127 27.88 -0.42 -0.82
C CYS B 127 28.39 -1.12 0.43
N GLN B 128 29.35 -0.49 1.09
CA GLN B 128 29.98 -1.10 2.25
C GLN B 128 29.00 -1.23 3.41
N PHE B 129 28.14 -0.24 3.58
CA PHE B 129 27.15 -0.35 4.64
C PHE B 129 26.21 -1.54 4.40
N LEU B 130 25.75 -1.68 3.16
CA LEU B 130 24.79 -2.74 2.83
C LEU B 130 25.46 -4.11 2.94
N GLU B 131 26.75 -4.18 2.65
CA GLU B 131 27.51 -5.40 2.90
C GLU B 131 27.43 -5.82 4.36
N LEU B 132 27.56 -4.85 5.25
CA LEU B 132 27.44 -5.11 6.68
C LEU B 132 26.04 -5.58 7.06
N CYS B 133 25.04 -5.21 6.26
CA CYS B 133 23.66 -5.57 6.60
C CYS B 133 23.30 -6.96 6.09
N GLN B 134 24.16 -7.54 5.27
CA GLN B 134 23.83 -8.78 4.59
C GLN B 134 24.12 -9.99 5.48
N SER B 135 23.18 -10.91 5.58
CA SER B 135 23.35 -12.08 6.42
C SER B 135 24.25 -13.13 5.75
N PRO B 136 25.04 -13.86 6.57
CA PRO B 136 25.90 -14.93 6.06
C PRO B 136 25.08 -16.00 5.32
N ASP B 137 23.82 -16.16 5.71
CA ASP B 137 22.96 -17.15 5.06
C ASP B 137 21.99 -16.60 4.01
N GLY B 138 22.20 -15.34 3.61
CA GLY B 138 21.45 -14.77 2.50
C GLY B 138 20.45 -13.72 2.93
N GLY B 139 20.22 -12.75 2.05
CA GLY B 139 19.28 -11.68 2.37
C GLY B 139 19.93 -10.58 3.19
N PHE B 140 19.24 -9.46 3.36
CA PHE B 140 19.75 -8.33 4.13
C PHE B 140 18.84 -8.06 5.30
N GLY B 141 19.44 -7.61 6.40
CA GLY B 141 18.69 -7.19 7.57
C GLY B 141 18.53 -5.69 7.64
N GLY B 142 17.85 -5.21 8.68
CA GLY B 142 17.56 -3.79 8.83
C GLY B 142 18.76 -2.95 9.25
N GLY B 143 19.86 -3.60 9.53
CA GLY B 143 21.02 -2.92 10.09
C GLY B 143 22.05 -3.96 10.42
N PRO B 144 23.30 -3.54 10.67
CA PRO B 144 24.36 -4.53 10.83
C PRO B 144 24.11 -5.42 12.03
N GLY B 145 24.24 -6.73 11.86
CA GLY B 145 23.99 -7.66 12.95
C GLY B 145 22.52 -8.04 13.14
N GLN B 146 21.64 -7.51 12.31
CA GLN B 146 20.24 -7.86 12.41
C GLN B 146 19.95 -9.06 11.52
N TYR B 147 18.97 -9.88 11.90
CA TYR B 147 18.54 -10.98 11.05
C TYR B 147 18.01 -10.46 9.71
N PRO B 148 18.10 -11.28 8.65
CA PRO B 148 17.56 -10.84 7.35
C PRO B 148 16.02 -10.78 7.35
N HIS B 149 15.46 -10.04 6.41
CA HIS B 149 14.01 -9.85 6.34
C HIS B 149 13.76 -9.44 4.88
N LEU B 150 12.69 -9.93 4.25
CA LEU B 150 12.46 -9.60 2.82
C LEU B 150 12.29 -8.11 2.54
N ALA B 151 11.79 -7.34 3.50
CA ALA B 151 11.57 -5.92 3.23
C ALA B 151 12.89 -5.13 3.03
N PRO B 152 13.82 -5.17 4.02
CA PRO B 152 15.12 -4.53 3.80
C PRO B 152 15.96 -5.24 2.72
N THR B 153 15.66 -6.51 2.43
CA THR B 153 16.32 -7.19 1.32
C THR B 153 15.93 -6.53 0.00
N TYR B 154 14.64 -6.32 -0.19
CA TYR B 154 14.12 -5.59 -1.35
C TYR B 154 14.74 -4.19 -1.48
N ALA B 155 14.76 -3.47 -0.37
CA ALA B 155 15.28 -2.10 -0.37
C ALA B 155 16.77 -2.10 -0.68
N ALA B 156 17.50 -3.03 -0.10
CA ALA B 156 18.92 -3.07 -0.32
C ALA B 156 19.24 -3.35 -1.79
N VAL B 157 18.53 -4.31 -2.38
CA VAL B 157 18.76 -4.62 -3.79
C VAL B 157 18.41 -3.43 -4.68
N ASN B 158 17.29 -2.78 -4.45
CA ASN B 158 16.97 -1.57 -5.20
C ASN B 158 18.06 -0.50 -5.06
N ALA B 159 18.55 -0.31 -3.84
CA ALA B 159 19.52 0.74 -3.59
C ALA B 159 20.82 0.45 -4.36
N LEU B 160 21.26 -0.80 -4.32
CA LEU B 160 22.47 -1.21 -5.03
C LEU B 160 22.31 -1.11 -6.55
N CYS B 161 21.10 -1.37 -7.04
CA CYS B 161 20.84 -1.23 -8.48
C CYS B 161 20.77 0.24 -8.90
N ILE B 162 20.30 1.09 -7.99
CA ILE B 162 20.32 2.52 -8.28
C ILE B 162 21.77 2.99 -8.42
N ILE B 163 22.64 2.49 -7.56
CA ILE B 163 24.06 2.85 -7.66
C ILE B 163 24.58 2.27 -8.96
N GLY B 164 24.37 0.99 -9.15
CA GLY B 164 24.54 0.38 -10.46
C GLY B 164 25.96 0.19 -10.93
N THR B 165 26.91 0.22 -10.00
CA THR B 165 28.31 -0.04 -10.33
C THR B 165 28.63 -1.51 -10.17
N GLU B 166 29.77 -1.93 -10.72
CA GLU B 166 30.27 -3.28 -10.54
C GLU B 166 30.35 -3.59 -9.07
N GLU B 167 30.91 -2.66 -8.31
CA GLU B 167 31.02 -2.81 -6.86
C GLU B 167 29.65 -3.08 -6.22
N ALA B 168 28.64 -2.29 -6.58
CA ALA B 168 27.31 -2.47 -5.99
C ALA B 168 26.75 -3.85 -6.34
N TYR B 169 26.77 -4.19 -7.63
CA TYR B 169 26.23 -5.48 -8.07
C TYR B 169 26.89 -6.61 -7.30
N ASN B 170 28.20 -6.53 -7.13
CA ASN B 170 28.96 -7.58 -6.48
C ASN B 170 28.68 -7.77 -4.99
N VAL B 171 28.05 -6.80 -4.35
CA VAL B 171 27.72 -6.93 -2.94
C VAL B 171 26.80 -8.13 -2.70
N ILE B 172 25.84 -8.31 -3.61
CA ILE B 172 24.78 -9.29 -3.43
C ILE B 172 25.31 -10.71 -3.58
N ASN B 173 25.24 -11.48 -2.50
CA ASN B 173 25.54 -12.91 -2.55
C ASN B 173 24.33 -13.67 -3.11
N ARG B 174 24.40 -13.97 -4.40
CA ARG B 174 23.28 -14.49 -5.16
C ARG B 174 22.86 -15.90 -4.76
N GLU B 175 23.84 -16.76 -4.49
CA GLU B 175 23.58 -18.14 -4.07
C GLU B 175 22.85 -18.14 -2.75
N LYS B 176 23.35 -17.36 -1.80
CA LYS B 176 22.71 -17.30 -0.48
C LYS B 176 21.35 -16.60 -0.60
N LEU B 177 21.25 -15.58 -1.45
CA LEU B 177 19.96 -14.93 -1.64
C LEU B 177 18.89 -15.96 -2.05
N LEU B 178 19.21 -16.79 -3.04
CA LEU B 178 18.28 -17.83 -3.50
C LEU B 178 17.99 -18.83 -2.37
N GLN B 179 19.01 -19.26 -1.64
CA GLN B 179 18.76 -20.15 -0.51
C GLN B 179 17.83 -19.50 0.49
N TYR B 180 18.05 -18.23 0.79
CA TYR B 180 17.21 -17.49 1.73
C TYR B 180 15.75 -17.48 1.25
N LEU B 181 15.53 -17.17 -0.03
CA LEU B 181 14.17 -17.15 -0.57
C LEU B 181 13.47 -18.49 -0.43
N TYR B 182 14.17 -19.58 -0.74
CA TYR B 182 13.60 -20.91 -0.59
C TYR B 182 13.22 -21.22 0.87
N SER B 183 13.99 -20.72 1.83
CA SER B 183 13.72 -21.01 3.22
C SER B 183 12.43 -20.34 3.68
N LEU B 184 11.96 -19.36 2.93
CA LEU B 184 10.74 -18.63 3.30
C LEU B 184 9.51 -19.12 2.53
N LYS B 185 9.74 -19.86 1.45
CA LYS B 185 8.67 -20.33 0.58
C LYS B 185 7.75 -21.33 1.30
N GLN B 186 6.44 -21.08 1.23
CA GLN B 186 5.43 -21.94 1.85
C GLN B 186 4.82 -22.91 0.84
N PRO B 187 4.35 -24.07 1.30
CA PRO B 187 3.66 -25.02 0.41
C PRO B 187 2.50 -24.39 -0.39
N ASP B 188 1.79 -23.41 0.15
CA ASP B 188 0.64 -22.85 -0.59
C ASP B 188 1.01 -21.80 -1.64
N GLY B 189 2.30 -21.66 -1.94
CA GLY B 189 2.77 -20.67 -2.90
C GLY B 189 3.19 -19.31 -2.30
N SER B 190 2.88 -19.09 -1.03
CA SER B 190 3.22 -17.82 -0.39
C SER B 190 4.64 -17.84 0.18
N PHE B 191 5.08 -16.71 0.72
CA PHE B 191 6.39 -16.56 1.36
C PHE B 191 6.25 -15.91 2.72
N LEU B 192 7.04 -16.37 3.68
CA LEU B 192 7.18 -15.66 4.96
C LEU B 192 7.94 -14.37 4.67
N MET B 193 7.69 -13.31 5.45
CA MET B 193 8.50 -12.08 5.34
C MET B 193 9.92 -12.33 5.86
N HIS B 194 10.05 -13.23 6.84
CA HIS B 194 11.34 -13.58 7.44
C HIS B 194 11.10 -14.86 8.24
N VAL B 195 12.19 -15.48 8.71
CA VAL B 195 12.10 -16.75 9.43
C VAL B 195 11.34 -16.52 10.71
N GLY B 196 10.34 -17.36 10.98
CA GLY B 196 9.49 -17.15 12.13
C GLY B 196 8.51 -15.99 11.99
N GLY B 197 8.39 -15.46 10.76
CA GLY B 197 7.60 -14.25 10.56
C GLY B 197 6.22 -14.49 9.97
N GLU B 198 5.58 -13.41 9.52
CA GLU B 198 4.24 -13.50 8.96
C GLU B 198 4.24 -13.61 7.42
N VAL B 199 3.14 -14.11 6.88
CA VAL B 199 2.94 -14.18 5.44
C VAL B 199 1.94 -13.12 4.99
N ASP B 200 2.31 -12.37 3.95
CA ASP B 200 1.35 -11.50 3.27
C ASP B 200 1.87 -11.20 1.87
N VAL B 201 1.07 -10.52 1.07
CA VAL B 201 1.42 -10.32 -0.33
C VAL B 201 2.70 -9.47 -0.53
N ARG B 202 3.09 -8.69 0.47
CA ARG B 202 4.34 -7.94 0.36
C ARG B 202 5.51 -8.90 0.06
N SER B 203 5.50 -10.08 0.69
CA SER B 203 6.64 -10.97 0.57
C SER B 203 6.80 -11.51 -0.83
N ALA B 204 5.68 -11.74 -1.52
CA ALA B 204 5.72 -12.23 -2.90
C ALA B 204 6.34 -11.18 -3.78
N TYR B 205 5.94 -9.93 -3.58
CA TYR B 205 6.56 -8.83 -4.30
C TYR B 205 8.05 -8.67 -4.01
N CYS B 206 8.43 -8.67 -2.73
CA CYS B 206 9.82 -8.49 -2.36
C CYS B 206 10.69 -9.58 -2.97
N ALA B 207 10.26 -10.83 -2.82
CA ALA B 207 10.97 -11.98 -3.43
C ALA B 207 11.04 -11.92 -4.97
N ALA B 208 9.91 -11.64 -5.62
CA ALA B 208 9.90 -11.57 -7.08
C ALA B 208 10.81 -10.45 -7.59
N SER B 209 10.76 -9.31 -6.91
CA SER B 209 11.57 -8.15 -7.29
C SER B 209 13.06 -8.47 -7.23
N VAL B 210 13.55 -8.92 -6.08
CA VAL B 210 14.97 -9.22 -5.97
C VAL B 210 15.38 -10.43 -6.82
N ALA B 211 14.51 -11.42 -6.93
CA ALA B 211 14.87 -12.61 -7.71
C ALA B 211 14.97 -12.31 -9.20
N SER B 212 14.08 -11.46 -9.71
CA SER B 212 14.11 -11.13 -11.13
C SER B 212 15.28 -10.21 -11.46
N LEU B 213 15.49 -9.17 -10.65
CA LEU B 213 16.64 -8.27 -10.86
C LEU B 213 17.99 -8.99 -10.87
N THR B 214 18.18 -9.97 -10.00
CA THR B 214 19.47 -10.60 -9.86
C THR B 214 19.56 -11.94 -10.62
N ASN B 215 18.55 -12.25 -11.42
CA ASN B 215 18.53 -13.48 -12.20
C ASN B 215 18.77 -14.74 -11.36
N ILE B 216 17.92 -14.97 -10.36
CA ILE B 216 18.05 -16.20 -9.58
C ILE B 216 16.74 -16.96 -9.58
N ILE B 217 15.84 -16.61 -10.50
CA ILE B 217 14.56 -17.32 -10.58
C ILE B 217 14.72 -18.72 -11.18
N THR B 218 14.50 -19.73 -10.36
CA THR B 218 14.53 -21.11 -10.85
C THR B 218 13.14 -21.53 -11.31
N PRO B 219 13.06 -22.67 -12.00
CA PRO B 219 11.79 -23.19 -12.51
C PRO B 219 10.68 -23.26 -11.45
N ASP B 220 11.02 -23.65 -10.21
CA ASP B 220 10.00 -23.88 -9.22
C ASP B 220 9.93 -22.84 -8.07
N LEU B 221 10.81 -21.85 -8.06
CA LEU B 221 10.83 -20.87 -6.98
C LEU B 221 9.45 -20.29 -6.71
N PHE B 222 8.76 -19.87 -7.77
CA PHE B 222 7.47 -19.21 -7.62
C PHE B 222 6.27 -20.09 -7.94
N GLU B 223 6.47 -21.40 -7.85
CA GLU B 223 5.38 -22.37 -7.98
C GLU B 223 4.25 -22.05 -7.03
N GLY B 224 3.06 -21.85 -7.55
CA GLY B 224 1.89 -21.61 -6.70
C GLY B 224 1.72 -20.14 -6.28
N THR B 225 2.73 -19.32 -6.53
CA THR B 225 2.72 -17.93 -6.05
C THR B 225 1.70 -17.06 -6.75
N ALA B 226 1.59 -17.18 -8.07
CA ALA B 226 0.59 -16.39 -8.79
C ALA B 226 -0.80 -16.71 -8.28
N GLU B 227 -1.08 -17.99 -8.04
CA GLU B 227 -2.39 -18.41 -7.58
C GLU B 227 -2.65 -17.91 -6.17
N TRP B 228 -1.63 -17.91 -5.32
CA TRP B 228 -1.80 -17.35 -3.98
C TRP B 228 -2.17 -15.86 -4.06
N ILE B 229 -1.44 -15.09 -4.86
CA ILE B 229 -1.73 -13.66 -5.02
C ILE B 229 -3.17 -13.42 -5.50
N ALA B 230 -3.60 -14.22 -6.48
CA ALA B 230 -4.94 -14.07 -7.03
C ALA B 230 -6.03 -14.30 -5.98
N ARG B 231 -5.79 -15.22 -5.04
CA ARG B 231 -6.67 -15.40 -3.90
C ARG B 231 -6.80 -14.17 -3.00
N CYS B 232 -5.86 -13.24 -3.10
CA CYS B 232 -5.94 -12.00 -2.29
C CYS B 232 -6.77 -10.90 -2.95
N GLN B 233 -7.11 -11.06 -4.23
CA GLN B 233 -8.03 -10.11 -4.85
C GLN B 233 -9.44 -10.37 -4.30
N ASN B 234 -10.12 -9.32 -3.86
CA ASN B 234 -11.39 -9.53 -3.19
C ASN B 234 -12.59 -8.92 -3.95
N TRP B 235 -13.75 -8.96 -3.31
CA TRP B 235 -15.00 -8.45 -3.88
C TRP B 235 -14.94 -6.98 -4.31
N GLU B 236 -13.99 -6.23 -3.77
CA GLU B 236 -13.86 -4.83 -4.13
C GLU B 236 -13.19 -4.63 -5.48
N GLY B 237 -12.41 -5.63 -5.90
CA GLY B 237 -11.58 -5.49 -7.09
C GLY B 237 -10.11 -5.29 -6.79
N GLY B 238 -9.79 -4.68 -5.64
CA GLY B 238 -8.38 -4.53 -5.25
C GLY B 238 -7.87 -5.78 -4.55
N ILE B 239 -6.70 -5.65 -3.92
CA ILE B 239 -6.02 -6.78 -3.30
C ILE B 239 -5.74 -6.51 -1.83
N GLY B 240 -6.08 -7.47 -0.99
CA GLY B 240 -5.81 -7.39 0.46
C GLY B 240 -4.48 -8.05 0.83
N GLY B 241 -4.06 -7.89 2.07
CA GLY B 241 -2.76 -8.40 2.48
C GLY B 241 -2.74 -9.93 2.45
N VAL B 242 -3.86 -10.53 2.83
CA VAL B 242 -4.04 -11.97 2.74
C VAL B 242 -5.47 -12.25 2.30
N PRO B 243 -5.75 -13.49 1.86
CA PRO B 243 -7.09 -13.76 1.32
C PRO B 243 -8.13 -13.40 2.38
N GLY B 244 -9.17 -12.68 1.97
CA GLY B 244 -10.24 -12.28 2.90
C GLY B 244 -10.20 -10.82 3.34
N MET B 245 -9.02 -10.22 3.30
CA MET B 245 -8.83 -8.86 3.83
C MET B 245 -9.20 -7.75 2.84
N GLU B 246 -9.55 -6.60 3.41
CA GLU B 246 -9.93 -5.40 2.67
C GLU B 246 -8.86 -5.02 1.65
N ALA B 247 -9.28 -4.53 0.49
CA ALA B 247 -8.36 -4.10 -0.54
C ALA B 247 -7.64 -2.84 -0.09
N HIS B 248 -6.35 -2.79 -0.38
CA HIS B 248 -5.52 -1.66 0.02
C HIS B 248 -4.49 -1.40 -1.06
N GLY B 249 -4.27 -0.13 -1.37
CA GLY B 249 -3.30 0.26 -2.38
C GLY B 249 -1.91 -0.34 -2.27
N GLY B 250 -1.38 -0.43 -1.05
CA GLY B 250 -0.02 -0.96 -0.90
C GLY B 250 0.05 -2.43 -1.28
N TYR B 251 -0.92 -3.19 -0.80
CA TYR B 251 -0.99 -4.61 -1.10
C TYR B 251 -1.37 -4.83 -2.56
N THR B 252 -2.21 -3.95 -3.09
CA THR B 252 -2.62 -4.08 -4.49
C THR B 252 -1.41 -3.82 -5.39
N PHE B 253 -0.61 -2.80 -5.06
CA PHE B 253 0.60 -2.62 -5.82
C PHE B 253 1.50 -3.86 -5.74
N CYS B 254 1.74 -4.37 -4.54
CA CYS B 254 2.62 -5.55 -4.43
C CYS B 254 2.08 -6.71 -5.27
N GLY B 255 0.79 -6.96 -5.16
CA GLY B 255 0.18 -8.09 -5.87
C GLY B 255 0.34 -7.97 -7.39
N LEU B 256 -0.09 -6.85 -7.93
CA LEU B 256 -0.04 -6.67 -9.40
C LEU B 256 1.39 -6.65 -9.91
N ALA B 257 2.26 -5.92 -9.21
CA ALA B 257 3.63 -5.81 -9.65
C ALA B 257 4.31 -7.17 -9.64
N ALA B 258 4.03 -7.98 -8.63
CA ALA B 258 4.62 -9.31 -8.56
C ALA B 258 4.12 -10.17 -9.73
N LEU B 259 2.82 -10.07 -10.01
CA LEU B 259 2.24 -10.84 -11.11
C LEU B 259 2.81 -10.38 -12.45
N VAL B 260 3.09 -9.07 -12.57
CA VAL B 260 3.72 -8.58 -13.78
C VAL B 260 5.10 -9.19 -13.96
N ILE B 261 5.88 -9.25 -12.89
CA ILE B 261 7.19 -9.88 -12.95
C ILE B 261 7.07 -11.37 -13.38
N LEU B 262 6.06 -12.05 -12.85
CA LEU B 262 5.88 -13.47 -13.11
C LEU B 262 5.17 -13.71 -14.45
N LYS B 263 4.77 -12.61 -15.08
CA LYS B 263 4.00 -12.67 -16.32
C LYS B 263 2.70 -13.44 -16.12
N LYS B 264 1.99 -13.13 -15.04
CA LYS B 264 0.74 -13.82 -14.72
C LYS B 264 -0.39 -12.86 -14.35
N GLU B 265 -0.31 -11.62 -14.82
CA GLU B 265 -1.33 -10.61 -14.51
C GLU B 265 -2.73 -11.09 -14.84
N ARG B 266 -2.85 -11.98 -15.83
CA ARG B 266 -4.17 -12.45 -16.25
C ARG B 266 -4.78 -13.35 -15.18
N SER B 267 -4.01 -13.77 -14.19
CA SER B 267 -4.60 -14.48 -13.07
C SER B 267 -5.64 -13.63 -12.33
N LEU B 268 -5.60 -12.31 -12.53
CA LEU B 268 -6.50 -11.41 -11.81
C LEU B 268 -7.66 -11.00 -12.69
N ASN B 269 -8.76 -10.59 -12.07
CA ASN B 269 -9.79 -9.86 -12.78
C ASN B 269 -9.29 -8.41 -12.96
N LEU B 270 -8.71 -8.14 -14.12
CA LEU B 270 -8.08 -6.85 -14.36
C LEU B 270 -9.08 -5.71 -14.45
N LYS B 271 -10.28 -6.02 -14.91
CA LYS B 271 -11.31 -5.03 -15.04
C LYS B 271 -11.86 -4.54 -13.68
N SER B 272 -12.09 -5.45 -12.74
CA SER B 272 -12.56 -4.99 -11.42
C SER B 272 -11.43 -4.26 -10.67
N LEU B 273 -10.20 -4.67 -10.93
CA LEU B 273 -9.05 -4.01 -10.33
C LEU B 273 -8.93 -2.59 -10.90
N LEU B 274 -9.04 -2.46 -12.22
CA LEU B 274 -8.97 -1.14 -12.85
C LEU B 274 -10.04 -0.23 -12.28
N GLN B 275 -11.26 -0.75 -12.14
CA GLN B 275 -12.36 0.04 -11.62
C GLN B 275 -12.08 0.50 -10.18
N TRP B 276 -11.51 -0.41 -9.39
CA TRP B 276 -11.22 -0.12 -7.98
C TRP B 276 -10.14 0.96 -7.84
N VAL B 277 -9.01 0.82 -8.53
CA VAL B 277 -7.95 1.81 -8.35
C VAL B 277 -8.37 3.23 -8.82
N THR B 278 -9.06 3.31 -9.97
CA THR B 278 -9.45 4.62 -10.49
C THR B 278 -10.41 5.32 -9.53
N SER B 279 -11.20 4.51 -8.82
CA SER B 279 -12.10 5.00 -7.79
C SER B 279 -11.38 5.53 -6.55
N ARG B 280 -10.09 5.21 -6.42
CA ARG B 280 -9.32 5.63 -5.22
C ARG B 280 -8.74 7.05 -5.35
N GLN B 281 -8.80 7.63 -6.55
CA GLN B 281 -8.42 9.06 -6.69
C GLN B 281 -9.53 9.93 -6.11
N MET B 282 -9.17 10.88 -5.26
CA MET B 282 -10.18 11.71 -4.56
C MET B 282 -10.66 12.87 -5.42
N ARG B 283 -11.98 12.96 -5.64
CA ARG B 283 -12.49 13.97 -6.57
C ARG B 283 -12.17 15.40 -6.15
N PHE B 284 -12.13 15.66 -4.83
CA PHE B 284 -11.76 16.99 -4.38
C PHE B 284 -10.25 17.24 -4.29
N GLU B 285 -9.57 16.42 -3.48
CA GLU B 285 -8.13 16.60 -3.23
C GLU B 285 -7.23 16.40 -4.44
N GLY B 286 -7.58 15.48 -5.32
CA GLY B 286 -6.75 15.17 -6.47
C GLY B 286 -5.79 14.03 -6.20
N GLY B 287 -5.47 13.79 -4.93
CA GLY B 287 -4.58 12.69 -4.60
C GLY B 287 -5.36 11.40 -4.45
N PHE B 288 -4.70 10.34 -3.99
CA PHE B 288 -5.32 9.03 -3.83
C PHE B 288 -5.44 8.63 -2.37
N GLN B 289 -6.51 7.90 -2.03
CA GLN B 289 -6.66 7.25 -0.73
C GLN B 289 -6.13 5.81 -0.85
N GLY B 290 -5.84 5.18 0.28
CA GLY B 290 -5.29 3.82 0.29
C GLY B 290 -6.38 2.75 0.23
N ARG B 291 -7.56 3.09 0.73
CA ARG B 291 -8.71 2.21 0.64
C ARG B 291 -9.97 3.06 0.67
N CYS B 292 -11.09 2.45 0.31
CA CYS B 292 -12.36 3.14 0.22
C CYS B 292 -12.77 3.75 1.56
N ASN B 293 -13.22 5.01 1.51
CA ASN B 293 -13.67 5.74 2.71
C ASN B 293 -12.59 6.12 3.74
N LYS B 294 -11.33 6.11 3.34
CA LYS B 294 -10.25 6.65 4.19
C LYS B 294 -9.67 7.90 3.52
N LEU B 295 -8.58 8.44 4.08
CA LEU B 295 -8.15 9.79 3.70
C LEU B 295 -7.06 9.80 2.64
N VAL B 296 -7.02 10.86 1.85
CA VAL B 296 -5.97 11.08 0.90
C VAL B 296 -4.59 11.04 1.58
N ASP B 297 -3.57 10.64 0.84
CA ASP B 297 -2.23 10.59 1.37
C ASP B 297 -1.27 10.56 0.20
N GLY B 298 -0.32 11.48 0.24
CA GLY B 298 0.64 11.61 -0.85
C GLY B 298 1.42 10.37 -1.23
N CYS B 299 1.71 9.46 -0.29
CA CYS B 299 2.48 8.27 -0.68
C CYS B 299 1.70 7.37 -1.67
N TYR B 300 0.37 7.47 -1.69
CA TYR B 300 -0.44 6.64 -2.61
C TYR B 300 -0.36 7.18 -4.03
N SER B 301 0.28 8.34 -4.15
CA SER B 301 0.61 8.88 -5.45
C SER B 301 1.45 7.84 -6.15
N PHE B 302 2.18 7.04 -5.39
CA PHE B 302 2.88 5.93 -6.05
C PHE B 302 2.13 4.59 -5.98
N TRP B 303 1.85 4.13 -4.76
CA TRP B 303 1.19 2.83 -4.61
C TRP B 303 -0.10 2.67 -5.43
N GLN B 304 -0.92 3.71 -5.54
CA GLN B 304 -2.16 3.63 -6.32
C GLN B 304 -1.94 4.03 -7.78
N ALA B 305 -1.44 5.24 -8.01
CA ALA B 305 -1.28 5.68 -9.40
C ALA B 305 -0.31 4.80 -10.18
N GLY B 306 0.64 4.18 -9.48
CA GLY B 306 1.60 3.27 -10.10
C GLY B 306 0.93 2.02 -10.68
N LEU B 307 -0.27 1.72 -10.21
CA LEU B 307 -1.04 0.62 -10.79
C LEU B 307 -1.47 0.92 -12.23
N LEU B 308 -1.66 2.18 -12.56
CA LEU B 308 -2.22 2.50 -13.87
C LEU B 308 -1.29 2.15 -15.01
N PRO B 309 0.01 2.46 -14.88
CA PRO B 309 0.93 1.99 -15.90
C PRO B 309 0.98 0.47 -15.99
N LEU B 310 0.82 -0.21 -14.85
CA LEU B 310 0.89 -1.67 -14.87
C LEU B 310 -0.33 -2.25 -15.59
N LEU B 311 -1.50 -1.67 -15.32
CA LEU B 311 -2.73 -2.10 -15.95
C LEU B 311 -2.69 -1.80 -17.45
N HIS B 312 -2.18 -0.64 -17.79
CA HIS B 312 -2.08 -0.25 -19.19
C HIS B 312 -1.30 -1.29 -19.98
N ARG B 313 -0.12 -1.64 -19.46
CA ARG B 313 0.73 -2.63 -20.10
C ARG B 313 0.06 -3.99 -20.20
N ALA B 314 -0.55 -4.45 -19.11
CA ALA B 314 -1.25 -5.72 -19.11
C ALA B 314 -2.39 -5.73 -20.13
N LEU B 315 -3.18 -4.67 -20.14
CA LEU B 315 -4.32 -4.60 -21.05
C LEU B 315 -3.84 -4.50 -22.48
N HIS B 316 -2.76 -3.76 -22.69
CA HIS B 316 -2.18 -3.61 -23.99
C HIS B 316 -1.64 -4.94 -24.52
N ALA B 317 -1.10 -5.75 -23.62
CA ALA B 317 -0.57 -7.06 -24.00
C ALA B 317 -1.70 -7.97 -24.47
N GLN B 318 -2.93 -7.59 -24.15
CA GLN B 318 -4.07 -8.38 -24.56
C GLN B 318 -4.68 -7.77 -25.81
N GLY B 319 -3.99 -6.81 -26.39
CA GLY B 319 -4.43 -6.11 -27.58
C GLY B 319 -5.67 -5.26 -27.39
N ASP B 320 -5.84 -4.70 -26.19
CA ASP B 320 -6.97 -3.80 -25.93
C ASP B 320 -6.90 -2.60 -26.87
N PRO B 321 -7.87 -2.49 -27.77
CA PRO B 321 -7.85 -1.44 -28.78
C PRO B 321 -8.29 -0.07 -28.26
N ALA B 322 -8.95 -0.04 -27.11
CA ALA B 322 -9.55 1.20 -26.62
C ALA B 322 -8.64 2.02 -25.70
N LEU B 323 -7.40 1.56 -25.50
CA LEU B 323 -6.45 2.23 -24.59
C LEU B 323 -5.99 3.58 -25.13
N SER B 324 -5.89 4.58 -24.26
CA SER B 324 -5.31 5.86 -24.67
C SER B 324 -3.88 5.63 -25.14
N MET B 325 -3.39 6.49 -26.04
CA MET B 325 -1.99 6.43 -26.42
C MET B 325 -1.23 7.68 -25.96
N SER B 326 -1.82 8.44 -25.05
CA SER B 326 -1.13 9.61 -24.50
C SER B 326 -1.28 9.84 -22.98
N HIS B 327 -2.23 9.16 -22.32
CA HIS B 327 -2.45 9.35 -20.88
C HIS B 327 -2.75 8.05 -20.14
N TRP B 328 -2.39 8.03 -18.87
CA TRP B 328 -2.77 6.94 -17.96
C TRP B 328 -4.23 7.13 -17.62
N MET B 329 -4.85 6.09 -17.07
CA MET B 329 -6.27 6.20 -16.74
C MET B 329 -6.51 6.75 -15.34
N PHE B 330 -5.88 7.88 -15.05
CA PHE B 330 -6.20 8.65 -13.87
C PHE B 330 -5.96 10.12 -14.19
N HIS B 331 -6.44 11.02 -13.35
CA HIS B 331 -6.29 12.44 -13.65
C HIS B 331 -4.86 12.87 -13.32
N GLN B 332 -3.99 12.84 -14.33
CA GLN B 332 -2.58 13.19 -14.15
C GLN B 332 -2.40 14.63 -13.62
N GLN B 333 -3.18 15.55 -14.17
CA GLN B 333 -3.10 16.93 -13.75
C GLN B 333 -3.47 17.12 -12.29
N ALA B 334 -4.61 16.56 -11.88
CA ALA B 334 -5.08 16.75 -10.51
C ALA B 334 -4.09 16.15 -9.49
N LEU B 335 -3.50 15.01 -9.82
CA LEU B 335 -2.49 14.42 -8.93
C LEU B 335 -1.26 15.32 -8.78
N GLN B 336 -0.75 15.87 -9.89
CA GLN B 336 0.38 16.82 -9.80
C GLN B 336 0.03 18.04 -8.94
N GLU B 337 -1.16 18.58 -9.14
CA GLU B 337 -1.58 19.73 -8.35
C GLU B 337 -1.61 19.37 -6.87
N TYR B 338 -2.16 18.21 -6.51
CA TYR B 338 -2.17 17.79 -5.11
C TYR B 338 -0.75 17.73 -4.53
N ILE B 339 0.16 17.05 -5.23
CA ILE B 339 1.50 16.87 -4.75
C ILE B 339 2.24 18.21 -4.65
N LEU B 340 2.17 18.99 -5.72
CA LEU B 340 2.93 20.25 -5.78
C LEU B 340 2.43 21.30 -4.80
N MET B 341 1.11 21.41 -4.67
CA MET B 341 0.51 22.42 -3.78
C MET B 341 0.39 21.98 -2.34
N CYS B 342 0.19 20.69 -2.10
CA CYS B 342 -0.17 20.23 -0.76
C CYS B 342 0.89 19.42 -0.06
N CYS B 343 1.82 18.83 -0.80
CA CYS B 343 2.68 17.82 -0.20
C CYS B 343 4.13 18.26 -0.02
N GLN B 344 4.44 19.51 -0.30
CA GLN B 344 5.83 19.96 -0.22
C GLN B 344 6.04 20.70 1.09
N CYS B 345 7.11 20.37 1.80
CA CYS B 345 7.49 21.14 2.97
C CYS B 345 8.39 22.28 2.48
N PRO B 346 8.14 23.52 2.94
CA PRO B 346 8.91 24.65 2.44
C PRO B 346 10.41 24.50 2.72
N ALA B 347 10.76 23.84 3.81
CA ALA B 347 12.17 23.63 4.17
C ALA B 347 12.81 22.45 3.41
N GLY B 348 12.04 21.76 2.58
CA GLY B 348 12.57 20.61 1.86
C GLY B 348 11.96 19.32 2.37
N GLY B 349 11.84 18.33 1.48
CA GLY B 349 11.13 17.10 1.85
C GLY B 349 9.65 17.18 1.48
N LEU B 350 9.02 16.02 1.33
CA LEU B 350 7.58 15.98 1.06
C LEU B 350 6.83 15.23 2.16
N LEU B 351 5.50 15.26 2.08
CA LEU B 351 4.72 14.76 3.17
C LEU B 351 3.40 14.13 2.72
N ASP B 352 2.72 13.54 3.69
CA ASP B 352 1.47 12.82 3.51
C ASP B 352 0.34 13.78 3.08
N LYS B 353 0.06 14.79 3.91
CA LYS B 353 -0.95 15.80 3.59
C LYS B 353 -0.67 17.04 4.43
N PRO B 354 -1.32 18.18 4.12
CA PRO B 354 -0.99 19.40 4.87
C PRO B 354 -1.22 19.21 6.36
N GLY B 355 -0.30 19.69 7.18
CA GLY B 355 -0.40 19.48 8.62
C GLY B 355 0.54 18.40 9.11
N LYS B 356 0.93 17.49 8.23
CA LYS B 356 1.84 16.41 8.59
C LYS B 356 3.29 16.84 8.42
N SER B 357 4.21 16.14 9.08
CA SER B 357 5.61 16.51 8.95
C SER B 357 6.30 15.73 7.83
N ARG B 358 7.37 16.32 7.29
CA ARG B 358 8.13 15.71 6.22
C ARG B 358 8.84 14.47 6.70
N ASP B 359 9.15 13.58 5.76
CA ASP B 359 9.96 12.43 6.08
C ASP B 359 10.46 11.82 4.78
N PHE B 360 11.44 10.93 4.86
CA PHE B 360 12.09 10.46 3.64
C PHE B 360 11.21 9.48 2.84
N TYR B 361 10.29 8.84 3.52
CA TYR B 361 9.40 7.87 2.87
C TYR B 361 8.49 8.64 1.90
N HIS B 362 7.82 9.67 2.39
CA HIS B 362 6.95 10.46 1.53
C HIS B 362 7.70 11.24 0.47
N THR B 363 8.93 11.61 0.78
CA THR B 363 9.77 12.27 -0.19
C THR B 363 10.00 11.34 -1.38
N CYS B 364 10.33 10.09 -1.10
CA CYS B 364 10.46 9.07 -2.13
C CYS B 364 9.15 8.92 -2.93
N TYR B 365 8.07 8.55 -2.26
CA TYR B 365 6.85 8.14 -2.98
C TYR B 365 6.02 9.27 -3.58
N CYS B 366 6.08 10.45 -2.98
CA CYS B 366 5.43 11.62 -3.61
C CYS B 366 6.14 11.97 -4.89
N LEU B 367 7.46 11.92 -4.89
CA LEU B 367 8.19 12.22 -6.12
C LEU B 367 8.03 11.10 -7.15
N SER B 368 8.00 9.86 -6.69
CA SER B 368 7.78 8.73 -7.60
C SER B 368 6.43 8.88 -8.29
N GLY B 369 5.41 9.23 -7.51
CA GLY B 369 4.06 9.48 -8.03
C GLY B 369 4.05 10.67 -8.97
N LEU B 370 4.83 11.70 -8.66
CA LEU B 370 4.86 12.87 -9.52
C LEU B 370 5.41 12.49 -10.88
N SER B 371 6.51 11.73 -10.88
CA SER B 371 7.11 11.26 -12.12
C SER B 371 6.12 10.47 -13.00
N ILE B 372 5.42 9.52 -12.38
CA ILE B 372 4.41 8.71 -13.07
C ILE B 372 3.36 9.61 -13.71
N ALA B 373 2.90 10.60 -12.94
CA ALA B 373 1.85 11.50 -13.39
C ALA B 373 2.32 12.40 -14.53
N GLN B 374 3.64 12.57 -14.62
CA GLN B 374 4.24 13.43 -15.65
C GLN B 374 4.50 12.69 -16.96
N HIS B 375 4.86 11.42 -16.84
CA HIS B 375 5.37 10.67 -17.98
C HIS B 375 4.47 9.52 -18.40
N PHE B 376 3.90 9.62 -19.61
CA PHE B 376 3.22 8.49 -20.21
C PHE B 376 4.11 7.84 -21.26
N GLY B 377 4.11 6.52 -21.32
CA GLY B 377 4.90 5.80 -22.30
C GLY B 377 4.32 4.43 -22.55
N SER B 378 4.01 4.13 -23.80
CA SER B 378 3.46 2.82 -24.18
C SER B 378 4.05 2.37 -25.51
N GLY B 379 5.13 1.60 -25.44
CA GLY B 379 5.89 1.21 -26.61
C GLY B 379 6.61 2.40 -27.21
N ALA B 380 6.26 2.74 -28.45
CA ALA B 380 6.88 3.85 -29.16
C ALA B 380 6.33 5.21 -28.71
N MET B 381 5.08 5.22 -28.26
CA MET B 381 4.39 6.44 -27.92
C MET B 381 4.92 7.06 -26.62
N LEU B 382 5.11 8.36 -26.62
CA LEU B 382 5.54 9.07 -25.42
C LEU B 382 4.80 10.39 -25.31
N HIS B 383 4.27 10.68 -24.13
CA HIS B 383 3.65 11.97 -23.93
C HIS B 383 3.83 12.43 -22.49
N ASP B 384 4.31 13.66 -22.30
CA ASP B 384 4.51 14.22 -20.98
C ASP B 384 3.48 15.30 -20.65
N VAL B 385 3.07 15.33 -19.40
CA VAL B 385 2.28 16.44 -18.89
C VAL B 385 3.04 16.98 -17.68
N VAL B 386 3.55 18.21 -17.78
CA VAL B 386 4.29 18.79 -16.66
C VAL B 386 3.55 20.02 -16.14
N MET B 387 2.88 19.89 -15.00
CA MET B 387 2.21 21.04 -14.42
C MET B 387 3.22 22.02 -13.80
N GLY B 388 2.91 23.32 -13.86
CA GLY B 388 3.78 24.36 -13.29
C GLY B 388 4.99 24.62 -14.17
N VAL B 389 6.06 25.17 -13.59
CA VAL B 389 7.25 25.48 -14.38
C VAL B 389 7.87 24.21 -14.97
N PRO B 390 8.43 24.32 -16.20
CA PRO B 390 8.99 23.16 -16.90
C PRO B 390 10.12 22.47 -16.13
N GLU B 391 10.82 23.21 -15.28
CA GLU B 391 11.86 22.64 -14.44
C GLU B 391 11.32 21.59 -13.47
N ASN B 392 9.99 21.52 -13.36
CA ASN B 392 9.36 20.53 -12.50
C ASN B 392 9.57 19.09 -12.96
N VAL B 393 9.90 18.89 -14.24
CA VAL B 393 9.97 17.54 -14.80
C VAL B 393 11.00 16.68 -14.07
N LEU B 394 10.61 15.46 -13.72
CA LEU B 394 11.49 14.53 -13.03
C LEU B 394 12.00 13.48 -14.01
N GLN B 395 12.98 12.70 -13.58
CA GLN B 395 13.36 11.51 -14.34
C GLN B 395 12.25 10.45 -14.21
N PRO B 396 12.11 9.59 -15.24
CA PRO B 396 11.06 8.58 -15.17
C PRO B 396 11.40 7.48 -14.16
N THR B 397 10.38 6.78 -13.70
CA THR B 397 10.60 5.64 -12.83
C THR B 397 9.91 4.40 -13.41
N HIS B 398 10.48 3.23 -13.16
CA HIS B 398 9.92 1.97 -13.63
C HIS B 398 8.78 1.59 -12.67
N PRO B 399 7.56 1.37 -13.22
CA PRO B 399 6.41 1.13 -12.37
C PRO B 399 6.45 -0.19 -11.62
N VAL B 400 7.30 -1.13 -12.03
CA VAL B 400 7.37 -2.40 -11.32
C VAL B 400 8.32 -2.34 -10.10
N TYR B 401 9.52 -1.80 -10.31
CA TYR B 401 10.56 -1.82 -9.30
C TYR B 401 10.70 -0.49 -8.55
N ASN B 402 10.14 0.56 -9.13
CA ASN B 402 10.33 1.93 -8.65
C ASN B 402 11.79 2.30 -8.47
N ILE B 403 12.60 1.97 -9.48
CA ILE B 403 13.89 2.60 -9.68
C ILE B 403 13.89 3.02 -11.17
N GLY B 404 14.79 3.91 -11.55
CA GLY B 404 14.90 4.33 -12.96
C GLY B 404 14.95 3.15 -13.92
N PRO B 405 14.22 3.26 -15.03
CA PRO B 405 14.14 2.15 -16.00
C PRO B 405 15.52 1.82 -16.54
N ASP B 406 16.38 2.82 -16.63
CA ASP B 406 17.76 2.60 -17.05
C ASP B 406 18.50 1.72 -16.06
N LYS B 407 18.21 1.88 -14.78
CA LYS B 407 18.87 1.08 -13.74
C LYS B 407 18.36 -0.36 -13.77
N VAL B 408 17.09 -0.52 -14.07
CA VAL B 408 16.50 -1.83 -14.24
C VAL B 408 17.17 -2.60 -15.39
N ILE B 409 17.26 -1.97 -16.54
CA ILE B 409 17.87 -2.59 -17.71
C ILE B 409 19.33 -2.92 -17.45
N GLN B 410 20.07 -1.95 -16.93
CA GLN B 410 21.46 -2.18 -16.63
C GLN B 410 21.67 -3.33 -15.64
N ALA B 411 20.89 -3.37 -14.56
CA ALA B 411 21.03 -4.48 -13.61
C ALA B 411 20.67 -5.83 -14.24
N THR B 412 19.52 -5.92 -14.90
CA THR B 412 19.09 -7.21 -15.45
C THR B 412 20.11 -7.72 -16.48
N THR B 413 20.53 -6.84 -17.38
CA THR B 413 21.60 -7.18 -18.31
C THR B 413 22.85 -7.75 -17.60
N HIS B 414 23.30 -7.07 -16.55
CA HIS B 414 24.49 -7.53 -15.84
C HIS B 414 24.28 -8.90 -15.19
N PHE B 415 23.12 -9.13 -14.58
CA PHE B 415 22.92 -10.37 -13.88
C PHE B 415 22.57 -11.51 -14.82
N LEU B 416 22.02 -11.18 -15.99
CA LEU B 416 21.76 -12.21 -16.99
C LEU B 416 23.07 -12.80 -17.52
N GLN B 417 24.19 -12.09 -17.32
CA GLN B 417 25.52 -12.63 -17.67
C GLN B 417 25.86 -13.81 -16.81
N LYS B 418 25.26 -13.87 -15.62
CA LYS B 418 25.60 -14.88 -14.65
C LYS B 418 24.63 -16.04 -14.78
N PRO B 419 25.05 -17.24 -14.38
CA PRO B 419 24.12 -18.35 -14.38
C PRO B 419 23.21 -18.31 -13.16
N VAL B 420 21.95 -18.68 -13.33
CA VAL B 420 21.09 -18.91 -12.18
C VAL B 420 21.81 -19.88 -11.25
N PRO B 421 21.93 -19.54 -9.96
CA PRO B 421 22.63 -20.43 -9.03
C PRO B 421 22.12 -21.87 -9.10
N GLY B 422 23.04 -22.83 -9.10
CA GLY B 422 22.69 -24.23 -9.28
C GLY B 422 22.67 -24.62 -10.75
N PHE B 423 22.58 -23.61 -11.61
CA PHE B 423 22.53 -23.82 -13.07
C PHE B 423 21.16 -24.34 -13.51
ZN ZN C . 1.67 8.10 3.46
C1 FPP D . -2.77 0.34 6.62
O1 FPP D . -2.32 1.61 7.16
C2 FPP D . -1.84 -0.21 5.54
C3 FPP D . -1.04 -1.29 5.70
C4 FPP D . -1.02 -2.01 7.02
C5 FPP D . -0.14 -1.80 4.60
C6 FPP D . 0.39 -0.71 3.65
C7 FPP D . 1.47 -1.23 2.72
C8 FPP D . 2.10 -0.39 1.87
C10 FPP D . 1.72 1.06 1.82
C9 FPP D . 3.17 -0.84 0.89
C11 FPP D . 3.84 -2.14 1.29
C12 FPP D . 4.82 -2.52 0.19
C13 FPP D . 6.08 -2.99 0.43
C14 FPP D . 6.62 -3.17 1.81
C15 FPP D . 6.96 -3.33 -0.74
PA FPP D . -3.33 2.77 7.66
O1A FPP D . -4.79 2.15 7.78
O2A FPP D . -2.93 3.56 9.19
O3A FPP D . -3.26 3.89 6.51
PB FPP D . -4.53 4.14 5.57
O1B FPP D . -5.65 4.90 6.38
O2B FPP D . -5.11 2.54 5.09
O3B FPP D . -3.96 5.15 4.23
NAE ED1 E . 10.67 7.97 6.74
CAK ED1 E . 9.63 7.49 6.99
CBN ED1 E . 8.49 6.92 7.17
CAQ ED1 E . 8.39 5.54 7.02
CAU ED1 E . 7.16 4.91 7.18
CAR ED1 E . 7.34 7.68 7.44
CAV ED1 E . 6.11 7.05 7.60
CBQ ED1 E . 6.02 5.66 7.48
NBW ED1 E . 4.75 5.03 7.61
CBH ED1 E . 3.74 5.79 8.37
CBR ED1 E . 2.86 6.44 7.33
NBY ED1 E . 1.74 7.16 7.51
CAA ED1 E . 1.09 7.50 8.81
CAX ED1 E . 1.27 7.56 6.31
NBJ ED1 E . 2.09 7.08 5.34
CAW ED1 E . 3.09 6.39 5.95
CBF ED1 E . 4.76 3.55 7.80
CBG ED1 E . 4.10 3.11 6.48
NBX ED1 E . 3.93 1.71 5.98
CBI ED1 E . 2.56 1.10 6.05
CBU ED1 E . 1.59 1.37 7.19
CBB ED1 E . 1.22 2.85 7.26
CBD ED1 E . 0.27 3.16 8.42
NBV ED1 E . 0.57 2.47 9.70
CBM ED1 E . 1.35 3.24 10.57
OBK ED1 E . 2.11 2.58 11.62
CBZ ED1 E . 3.07 3.26 12.44
CAB ED1 E . 4.11 3.88 11.52
CAD ED1 E . 3.72 2.22 13.35
CAC ED1 E . 2.39 4.34 13.28
OAG ED1 E . 1.37 4.47 10.52
CBE ED1 E . 1.04 1.06 9.57
CBC ED1 E . 2.11 0.84 8.52
SCA ED1 E . 5.08 0.58 6.23
OAI ED1 E . 4.46 -0.83 6.78
OAH ED1 E . 6.33 1.05 7.12
CBT ED1 E . 5.84 0.51 4.81
CAT ED1 E . 5.37 1.35 3.80
CAM ED1 E . 5.92 1.47 2.53
CAL ED1 E . 7.05 0.77 2.20
CAS ED1 E . 7.53 -0.05 3.21
CBS ED1 E . 6.99 -0.21 4.52
CBP ED1 E . 7.67 -1.12 5.35
CAY ED1 E . 7.38 -1.48 6.68
CAP ED1 E . 8.77 -1.74 4.78
CAN ED1 E . 9.63 -2.66 5.33
CAO ED1 E . 9.35 -3.01 6.61
CBO ED1 E . 8.26 -2.45 7.23
CBA ED1 E . 8.32 -3.05 8.56
CAZ ED1 E . 7.41 -2.96 9.71
CBL ED1 E . 7.14 -4.48 9.79
OAF ED1 E . 6.73 -5.15 8.81
OAJ ED1 E . 7.37 -5.06 10.86
#